data_1MUQ
#
_entry.id   1MUQ
#
_cell.length_a   110.454
_cell.length_b   151.234
_cell.length_c   95.014
_cell.angle_alpha   90.00
_cell.angle_beta   90.00
_cell.angle_gamma   90.00
#
_symmetry.space_group_name_H-M   'C 2 2 21'
#
loop_
_entity.id
_entity.type
_entity.pdbx_description
1 polymer 'Galactose-specific lectin'
2 branched 1-thio-beta-D-galactopyranose-(1-1)-beta-D-galactopyranose
3 non-polymer 'CALCIUM ION'
4 non-polymer 'SODIUM ION'
5 non-polymer beta-D-galactopyranose
6 water water
#
_entity_poly.entity_id   1
_entity_poly.type   'polypeptide(L)'
_entity_poly.pdbx_seq_one_letter_code
;NNCPLDWLPMNGLCYKIFNQLKTWEDAEMFCRKYKPGCHLASFHRYGESLEIAEYISDYHKGQENVWIGLRDKKKDFSWE
WTDRSCTDYLTWDKNQPDHYQNKEFCVELVSLTGYRLWNDQVCESKDAFLCQCKF
;
_entity_poly.pdbx_strand_id   A,B,C,D,E
#
loop_
_chem_comp.id
_chem_comp.type
_chem_comp.name
_chem_comp.formula
CA non-polymer 'CALCIUM ION' 'Ca 2'
GAL D-saccharide, beta linking beta-D-galactopyranose 'C6 H12 O6'
NA non-polymer 'SODIUM ION' 'Na 1'
YIO D-saccharide, beta linking 1-thio-beta-D-galactopyranose 'C6 H12 O5 S'
#
# COMPACT_ATOMS: atom_id res chain seq x y z
N ASN A 2 5.99 0.91 -4.28
CA ASN A 2 5.37 0.35 -5.52
C ASN A 2 5.40 1.37 -6.67
N CYS A 3 5.78 0.89 -7.85
CA CYS A 3 5.90 1.73 -9.05
C CYS A 3 5.42 1.01 -10.28
N PRO A 4 5.36 1.72 -11.42
CA PRO A 4 4.95 1.10 -12.68
C PRO A 4 6.01 0.05 -12.93
N LEU A 5 5.70 -0.97 -13.71
CA LEU A 5 6.67 -2.05 -13.95
C LEU A 5 7.97 -1.68 -14.64
N ASP A 6 7.98 -0.61 -15.41
CA ASP A 6 9.21 -0.23 -16.10
C ASP A 6 10.01 0.81 -15.33
N TRP A 7 9.66 0.98 -14.06
CA TRP A 7 10.35 1.94 -13.21
C TRP A 7 11.08 1.20 -12.11
N LEU A 8 12.16 1.80 -11.61
CA LEU A 8 12.95 1.22 -10.53
C LEU A 8 12.51 1.75 -9.19
N PRO A 9 11.98 0.87 -8.31
CA PRO A 9 11.54 1.32 -6.99
C PRO A 9 12.79 1.45 -6.12
N MET A 10 12.93 2.53 -5.38
CA MET A 10 14.11 2.68 -4.55
C MET A 10 13.87 3.66 -3.42
N ASN A 11 13.92 3.16 -2.19
CA ASN A 11 13.72 3.96 -1.00
C ASN A 11 12.52 4.90 -1.08
N GLY A 12 11.37 4.39 -1.52
CA GLY A 12 10.19 5.22 -1.57
C GLY A 12 9.85 5.93 -2.87
N LEU A 13 10.84 6.07 -3.74
CA LEU A 13 10.60 6.74 -5.02
C LEU A 13 10.73 5.79 -6.19
N CYS A 14 10.38 6.27 -7.37
CA CYS A 14 10.45 5.49 -8.58
C CYS A 14 11.36 6.23 -9.54
N TYR A 15 12.28 5.51 -10.17
CA TYR A 15 13.24 6.09 -11.10
C TYR A 15 13.17 5.44 -12.46
N LYS A 16 13.53 6.20 -13.49
CA LYS A 16 13.49 5.65 -14.83
C LYS A 16 14.38 6.42 -15.77
N ILE A 17 15.16 5.72 -16.59
CA ILE A 17 15.99 6.43 -17.54
C ILE A 17 15.21 6.59 -18.81
N PHE A 18 15.23 7.80 -19.34
CA PHE A 18 14.58 8.09 -20.60
C PHE A 18 15.77 8.26 -21.53
N ASN A 19 15.77 7.51 -22.63
CA ASN A 19 16.88 7.56 -23.56
C ASN A 19 16.90 8.78 -24.46
N GLN A 20 15.79 9.51 -24.49
CA GLN A 20 15.68 10.71 -25.30
C GLN A 20 16.70 11.75 -24.83
N LEU A 21 17.46 12.30 -25.76
CA LEU A 21 18.47 13.29 -25.42
C LEU A 21 17.86 14.67 -25.30
N LYS A 22 18.16 15.35 -24.19
CA LYS A 22 17.64 16.67 -23.94
C LYS A 22 18.66 17.48 -23.15
N THR A 23 18.45 18.78 -23.12
CA THR A 23 19.31 19.67 -22.36
C THR A 23 18.84 19.43 -20.93
N TRP A 24 19.65 19.84 -19.95
CA TRP A 24 19.28 19.64 -18.55
C TRP A 24 17.88 20.22 -18.28
N GLU A 25 17.73 21.51 -18.57
CA GLU A 25 16.47 22.22 -18.38
C GLU A 25 15.26 21.48 -18.96
N ASP A 26 15.40 20.98 -20.19
CA ASP A 26 14.32 20.26 -20.83
C ASP A 26 14.08 18.91 -20.15
N ALA A 27 15.15 18.26 -19.74
CA ALA A 27 15.03 16.99 -19.05
C ALA A 27 14.22 17.23 -17.77
N GLU A 28 14.59 18.28 -17.02
CA GLU A 28 13.89 18.62 -15.78
C GLU A 28 12.40 18.85 -16.03
N MET A 29 12.07 19.61 -17.07
CA MET A 29 10.69 19.90 -17.40
C MET A 29 9.97 18.69 -17.95
N PHE A 30 10.72 17.79 -18.58
CA PHE A 30 10.05 16.62 -19.09
C PHE A 30 9.64 15.79 -17.88
N CYS A 31 10.53 15.64 -16.90
CA CYS A 31 10.18 14.87 -15.72
C CYS A 31 8.99 15.53 -15.03
N ARG A 32 9.14 16.82 -14.73
CA ARG A 32 8.09 17.60 -14.08
C ARG A 32 6.71 17.46 -14.71
N LYS A 33 6.66 17.31 -16.03
CA LYS A 33 5.38 17.21 -16.71
C LYS A 33 5.00 15.79 -17.06
N TYR A 34 5.88 14.84 -16.73
CA TYR A 34 5.58 13.45 -17.02
C TYR A 34 4.35 13.09 -16.20
N LYS A 35 4.37 13.52 -14.95
CA LYS A 35 3.28 13.29 -14.02
C LYS A 35 3.60 14.15 -12.79
N PRO A 36 2.56 14.63 -12.10
CA PRO A 36 2.84 15.45 -10.93
C PRO A 36 3.68 14.75 -9.87
N GLY A 37 4.73 15.43 -9.43
CA GLY A 37 5.61 14.87 -8.41
C GLY A 37 6.85 14.21 -8.96
N CYS A 38 7.30 14.61 -10.14
CA CYS A 38 8.49 14.04 -10.72
C CYS A 38 9.55 15.10 -10.93
N HIS A 39 10.80 14.69 -10.84
CA HIS A 39 11.93 15.59 -11.04
C HIS A 39 13.07 14.75 -11.55
N LEU A 40 14.15 15.43 -11.93
CA LEU A 40 15.33 14.72 -12.34
C LEU A 40 15.71 14.14 -10.97
N ALA A 41 16.28 12.94 -10.96
CA ALA A 41 16.61 12.28 -9.71
C ALA A 41 17.64 12.96 -8.82
N SER A 42 17.48 12.78 -7.53
CA SER A 42 18.41 13.30 -6.53
C SER A 42 18.97 12.02 -5.91
N PHE A 43 20.20 12.08 -5.41
CA PHE A 43 20.83 10.91 -4.80
C PHE A 43 21.17 11.25 -3.36
N HIS A 44 21.06 10.27 -2.47
CA HIS A 44 21.32 10.53 -1.06
C HIS A 44 22.20 9.54 -0.32
N ARG A 45 22.71 8.55 -1.02
CA ARG A 45 23.61 7.58 -0.40
C ARG A 45 24.28 6.71 -1.43
N TYR A 46 25.46 6.23 -1.08
CA TYR A 46 26.26 5.40 -1.96
C TYR A 46 25.42 4.25 -2.53
N GLY A 47 24.56 3.69 -1.69
CA GLY A 47 23.71 2.60 -2.14
C GLY A 47 22.90 2.98 -3.36
N GLU A 48 22.29 4.16 -3.33
CA GLU A 48 21.49 4.64 -4.44
C GLU A 48 22.33 4.83 -5.70
N SER A 49 23.53 5.37 -5.56
CA SER A 49 24.39 5.54 -6.73
C SER A 49 24.63 4.19 -7.41
N LEU A 50 24.91 3.17 -6.60
CA LEU A 50 25.17 1.84 -7.12
C LEU A 50 23.95 1.19 -7.77
N GLU A 51 22.79 1.31 -7.12
CA GLU A 51 21.56 0.73 -7.65
C GLU A 51 21.23 1.39 -8.97
N ILE A 52 21.30 2.72 -8.97
CA ILE A 52 21.01 3.52 -10.17
C ILE A 52 22.02 3.27 -11.28
N ALA A 53 23.29 3.24 -10.92
CA ALA A 53 24.35 3.01 -11.89
C ALA A 53 24.10 1.68 -12.60
N GLU A 54 23.83 0.64 -11.81
CA GLU A 54 23.57 -0.69 -12.35
C GLU A 54 22.29 -0.72 -13.18
N TYR A 55 21.29 0.04 -12.75
CA TYR A 55 20.00 0.12 -13.45
C TYR A 55 20.15 0.74 -14.83
N ILE A 56 20.86 1.86 -14.88
CA ILE A 56 21.09 2.55 -16.14
C ILE A 56 21.90 1.68 -17.12
N SER A 57 22.96 1.05 -16.61
CA SER A 57 23.80 0.20 -17.45
C SER A 57 22.98 -0.93 -18.08
N ASP A 58 21.97 -1.42 -17.37
CA ASP A 58 21.16 -2.53 -17.88
C ASP A 58 20.03 -2.09 -18.78
N TYR A 59 19.45 -0.94 -18.47
CA TYR A 59 18.31 -0.47 -19.23
C TYR A 59 18.49 0.70 -20.18
N HIS A 60 19.55 1.48 -19.99
CA HIS A 60 19.78 2.61 -20.87
C HIS A 60 20.13 2.10 -22.27
N LYS A 61 19.33 2.54 -23.25
CA LYS A 61 19.56 2.17 -24.62
C LYS A 61 20.36 3.31 -25.23
N GLY A 62 21.68 3.22 -25.06
CA GLY A 62 22.57 4.24 -25.56
C GLY A 62 23.88 4.21 -24.79
N GLN A 63 24.69 5.24 -24.96
CA GLN A 63 25.98 5.33 -24.27
C GLN A 63 26.22 6.74 -23.74
N GLU A 64 25.22 7.61 -23.89
CA GLU A 64 25.35 8.99 -23.43
C GLU A 64 25.28 9.15 -21.92
N ASN A 65 25.82 10.26 -21.43
CA ASN A 65 25.78 10.52 -20.01
C ASN A 65 24.32 10.82 -19.64
N VAL A 66 24.01 10.78 -18.36
CA VAL A 66 22.64 10.99 -17.88
C VAL A 66 22.50 12.15 -16.93
N TRP A 67 21.55 13.03 -17.23
CA TRP A 67 21.27 14.19 -16.38
C TRP A 67 20.58 13.73 -15.12
N ILE A 68 20.89 14.39 -14.01
CA ILE A 68 20.24 14.14 -12.73
C ILE A 68 19.89 15.54 -12.22
N GLY A 69 19.03 15.62 -11.21
CA GLY A 69 18.57 16.92 -10.71
C GLY A 69 19.50 17.85 -9.97
N LEU A 70 20.80 17.62 -10.06
CA LEU A 70 21.74 18.48 -9.36
C LEU A 70 22.19 19.60 -10.28
N ARG A 71 22.10 20.83 -9.79
CA ARG A 71 22.50 21.99 -10.57
C ARG A 71 23.04 23.12 -9.68
N ASP A 72 23.97 23.90 -10.23
CA ASP A 72 24.55 25.01 -9.50
C ASP A 72 23.85 26.29 -9.94
N LYS A 73 22.63 26.48 -9.46
CA LYS A 73 21.80 27.64 -9.78
C LYS A 73 22.51 28.99 -9.67
N LYS A 74 23.19 29.22 -8.55
CA LYS A 74 23.90 30.49 -8.35
C LYS A 74 25.32 30.51 -8.89
N LYS A 75 25.74 29.40 -9.49
CA LYS A 75 27.08 29.33 -10.08
C LYS A 75 28.24 29.60 -9.12
N ASP A 76 28.06 29.22 -7.86
CA ASP A 76 29.10 29.43 -6.84
C ASP A 76 29.43 28.09 -6.21
N PHE A 77 29.09 27.01 -6.89
CA PHE A 77 29.31 25.66 -6.39
C PHE A 77 28.36 25.34 -5.25
N SER A 78 27.15 25.88 -5.34
CA SER A 78 26.10 25.62 -4.35
C SER A 78 25.10 24.72 -5.08
N TRP A 79 25.43 23.44 -5.10
CA TRP A 79 24.63 22.45 -5.79
C TRP A 79 23.33 22.13 -5.08
N GLU A 80 22.24 22.18 -5.85
CA GLU A 80 20.93 21.93 -5.30
C GLU A 80 20.11 20.99 -6.16
N TRP A 81 19.33 20.14 -5.49
CA TRP A 81 18.47 19.19 -6.18
C TRP A 81 17.17 19.87 -6.56
N THR A 82 16.71 19.61 -7.79
CA THR A 82 15.45 20.20 -8.26
C THR A 82 14.26 19.71 -7.43
N ASP A 83 14.39 18.55 -6.80
CA ASP A 83 13.30 18.03 -5.97
C ASP A 83 13.41 18.61 -4.56
N ARG A 84 14.17 19.69 -4.44
CA ARG A 84 14.38 20.36 -3.17
C ARG A 84 14.85 19.47 -2.02
N SER A 85 15.28 18.26 -2.33
CA SER A 85 15.81 17.37 -1.30
C SER A 85 17.16 17.95 -0.93
N CYS A 86 17.70 17.53 0.20
CA CYS A 86 18.98 18.06 0.65
C CYS A 86 20.22 17.53 -0.07
N THR A 87 21.25 18.34 -0.15
CA THR A 87 22.49 17.92 -0.79
C THR A 87 23.32 17.33 0.35
N ASP A 88 22.97 16.11 0.76
CA ASP A 88 23.65 15.43 1.85
C ASP A 88 24.51 14.26 1.37
N TYR A 89 24.85 14.28 0.09
CA TYR A 89 25.63 13.22 -0.50
C TYR A 89 26.10 13.69 -1.87
N LEU A 90 27.38 13.46 -2.16
CA LEU A 90 27.99 13.87 -3.42
C LEU A 90 28.99 12.81 -3.84
N THR A 91 29.00 12.45 -5.12
CA THR A 91 29.93 11.45 -5.62
C THR A 91 30.48 11.90 -6.97
N TRP A 92 31.23 12.99 -6.92
CA TRP A 92 31.85 13.57 -8.09
C TRP A 92 32.89 12.67 -8.71
N ASP A 93 33.05 12.78 -10.02
CA ASP A 93 34.04 11.99 -10.74
C ASP A 93 35.39 12.65 -10.49
N LYS A 94 36.45 11.97 -10.90
CA LYS A 94 37.80 12.51 -10.71
C LYS A 94 37.93 13.88 -11.36
N ASN A 95 38.41 14.85 -10.58
CA ASN A 95 38.62 16.21 -11.06
C ASN A 95 37.34 17.01 -11.29
N GLN A 96 36.26 16.62 -10.61
CA GLN A 96 35.00 17.32 -10.77
C GLN A 96 34.48 17.68 -9.38
N PRO A 97 33.59 18.67 -9.27
CA PRO A 97 33.05 19.50 -10.36
C PRO A 97 34.09 20.57 -10.66
N ASP A 98 34.22 20.94 -11.92
CA ASP A 98 35.22 21.94 -12.27
C ASP A 98 34.73 23.21 -12.96
N HIS A 99 33.41 23.36 -13.13
CA HIS A 99 32.88 24.54 -13.81
C HIS A 99 33.78 24.84 -15.02
N TYR A 100 34.06 23.80 -15.80
CA TYR A 100 34.90 23.94 -16.97
C TYR A 100 34.55 25.18 -17.79
N GLN A 101 35.52 26.08 -17.92
CA GLN A 101 35.36 27.32 -18.67
C GLN A 101 34.18 28.16 -18.18
N ASN A 102 33.78 27.97 -16.92
CA ASN A 102 32.67 28.71 -16.34
C ASN A 102 31.37 28.49 -17.11
N LYS A 103 31.24 27.33 -17.72
CA LYS A 103 30.05 27.04 -18.51
C LYS A 103 29.31 25.75 -18.12
N GLU A 104 29.76 25.11 -17.06
CA GLU A 104 29.15 23.86 -16.61
C GLU A 104 28.55 24.02 -15.20
N PHE A 105 27.23 23.90 -15.11
CA PHE A 105 26.53 24.04 -13.85
C PHE A 105 25.45 22.98 -13.64
N CYS A 106 25.38 22.03 -14.57
CA CYS A 106 24.38 20.96 -14.50
C CYS A 106 25.09 19.62 -14.41
N VAL A 107 24.60 18.77 -13.51
CA VAL A 107 25.23 17.50 -13.27
C VAL A 107 24.66 16.32 -13.99
N GLU A 108 25.57 15.48 -14.49
CA GLU A 108 25.21 14.30 -15.24
C GLU A 108 25.97 13.08 -14.68
N LEU A 109 25.42 11.90 -14.89
CA LEU A 109 26.10 10.68 -14.46
C LEU A 109 27.01 10.36 -15.64
N VAL A 110 28.28 10.13 -15.35
CA VAL A 110 29.25 9.85 -16.39
C VAL A 110 29.23 8.39 -16.84
N SER A 111 28.97 8.21 -18.13
CA SER A 111 28.89 6.90 -18.76
C SER A 111 30.18 6.08 -18.62
N LEU A 112 31.33 6.74 -18.67
CA LEU A 112 32.60 6.04 -18.56
C LEU A 112 32.84 5.44 -17.18
N THR A 113 32.16 5.98 -16.17
CA THR A 113 32.31 5.48 -14.80
C THR A 113 31.23 4.48 -14.46
N GLY A 114 30.52 3.99 -15.49
CA GLY A 114 29.45 3.05 -15.26
C GLY A 114 28.27 3.75 -14.64
N TYR A 115 28.18 5.06 -14.88
CA TYR A 115 27.08 5.88 -14.38
C TYR A 115 27.08 6.01 -12.87
N ARG A 116 28.23 5.80 -12.27
CA ARG A 116 28.36 5.88 -10.83
C ARG A 116 28.76 7.27 -10.35
N LEU A 117 29.67 7.90 -11.09
CA LEU A 117 30.19 9.21 -10.72
C LEU A 117 29.58 10.39 -11.48
N TRP A 118 29.62 11.55 -10.84
CA TRP A 118 29.05 12.77 -11.42
C TRP A 118 30.05 13.74 -12.02
N ASN A 119 29.56 14.52 -12.96
CA ASN A 119 30.37 15.54 -13.62
C ASN A 119 29.49 16.76 -13.90
N ASP A 120 29.98 17.95 -13.59
CA ASP A 120 29.21 19.14 -13.89
C ASP A 120 29.40 19.30 -15.39
N GLN A 121 28.30 19.56 -16.09
CA GLN A 121 28.31 19.65 -17.53
C GLN A 121 27.60 20.89 -18.01
N VAL A 122 27.90 21.28 -19.24
CA VAL A 122 27.27 22.44 -19.86
C VAL A 122 25.78 22.08 -19.87
N CYS A 123 24.95 22.92 -19.26
CA CYS A 123 23.53 22.66 -19.20
C CYS A 123 22.87 22.49 -20.55
N GLU A 124 23.50 23.05 -21.59
CA GLU A 124 22.97 23.01 -22.94
C GLU A 124 23.29 21.73 -23.69
N SER A 125 24.00 20.81 -23.03
CA SER A 125 24.34 19.53 -23.65
C SER A 125 23.12 18.64 -23.65
N LYS A 126 23.08 17.73 -24.61
CA LYS A 126 21.99 16.78 -24.73
C LYS A 126 22.47 15.49 -24.12
N ASP A 127 21.76 15.04 -23.10
CA ASP A 127 22.09 13.82 -22.39
C ASP A 127 20.80 13.05 -22.26
N ALA A 128 20.92 11.79 -21.84
CA ALA A 128 19.75 10.98 -21.58
C ALA A 128 19.46 11.50 -20.17
N PHE A 129 18.35 11.13 -19.56
CA PHE A 129 18.09 11.63 -18.22
C PHE A 129 17.34 10.66 -17.33
N LEU A 130 17.51 10.83 -16.02
CA LEU A 130 16.90 9.94 -15.04
C LEU A 130 15.82 10.69 -14.27
N CYS A 131 14.57 10.30 -14.46
CA CYS A 131 13.49 10.93 -13.73
C CYS A 131 13.24 10.16 -12.44
N GLN A 132 12.61 10.87 -11.53
CA GLN A 132 12.30 10.33 -10.23
C GLN A 132 10.87 10.80 -9.97
N CYS A 133 9.99 9.87 -9.59
CA CYS A 133 8.61 10.23 -9.32
C CYS A 133 8.05 9.57 -8.08
N LYS A 134 7.01 10.21 -7.55
CA LYS A 134 6.28 9.72 -6.41
C LYS A 134 4.99 9.29 -7.10
N PHE A 135 4.60 8.04 -6.97
CA PHE A 135 3.37 7.58 -7.61
C PHE A 135 2.21 7.41 -6.63
N ASN B 2 -0.17 6.17 -3.05
CA ASN B 2 -0.52 5.93 -4.48
C ASN B 2 -1.77 6.70 -4.86
N CYS B 3 -1.70 7.40 -6.00
CA CYS B 3 -2.82 8.21 -6.49
C CYS B 3 -2.98 7.98 -7.97
N PRO B 4 -4.00 8.59 -8.58
CA PRO B 4 -4.17 8.41 -10.02
C PRO B 4 -2.93 9.06 -10.62
N LEU B 5 -2.53 8.62 -11.81
CA LEU B 5 -1.33 9.16 -12.44
C LEU B 5 -1.32 10.67 -12.69
N ASP B 6 -2.49 11.30 -12.65
CA ASP B 6 -2.53 12.74 -12.87
C ASP B 6 -2.70 13.57 -11.59
N TRP B 7 -2.41 12.94 -10.45
CA TRP B 7 -2.49 13.63 -9.16
C TRP B 7 -1.12 13.67 -8.50
N LEU B 8 -0.98 14.54 -7.50
CA LEU B 8 0.26 14.68 -6.77
C LEU B 8 0.18 13.96 -5.43
N PRO B 9 0.94 12.87 -5.28
CA PRO B 9 0.92 12.14 -4.00
C PRO B 9 1.72 12.95 -3.00
N MET B 10 1.18 13.18 -1.81
CA MET B 10 1.91 13.94 -0.81
C MET B 10 1.45 13.71 0.62
N ASN B 11 2.32 13.12 1.42
CA ASN B 11 2.06 12.85 2.82
C ASN B 11 0.74 12.13 3.11
N GLY B 12 0.42 11.14 2.28
CA GLY B 12 -0.80 10.37 2.49
C GLY B 12 -2.02 10.77 1.67
N LEU B 13 -2.00 11.98 1.11
CA LEU B 13 -3.11 12.45 0.32
C LEU B 13 -2.70 12.73 -1.11
N CYS B 14 -3.69 12.99 -1.96
CA CYS B 14 -3.45 13.29 -3.35
C CYS B 14 -3.97 14.68 -3.62
N TYR B 15 -3.26 15.41 -4.48
CA TYR B 15 -3.65 16.76 -4.79
C TYR B 15 -3.69 16.98 -6.28
N LYS B 16 -4.46 17.98 -6.70
CA LYS B 16 -4.57 18.32 -8.10
C LYS B 16 -5.11 19.72 -8.30
N ILE B 17 -4.51 20.49 -9.20
CA ILE B 17 -5.02 21.81 -9.49
C ILE B 17 -5.98 21.64 -10.64
N PHE B 18 -7.08 22.37 -10.59
CA PHE B 18 -8.04 22.35 -11.66
C PHE B 18 -7.99 23.78 -12.17
N ASN B 19 -7.79 23.96 -13.47
CA ASN B 19 -7.68 25.28 -14.02
C ASN B 19 -9.01 25.98 -14.28
N GLN B 20 -10.11 25.32 -13.94
CA GLN B 20 -11.43 25.92 -14.12
C GLN B 20 -11.52 27.00 -13.04
N LEU B 21 -11.92 28.20 -13.43
CA LEU B 21 -12.04 29.29 -12.48
C LEU B 21 -13.40 29.20 -11.80
N LYS B 22 -13.40 29.15 -10.48
CA LYS B 22 -14.63 29.04 -9.71
C LYS B 22 -14.60 29.85 -8.44
N THR B 23 -15.77 30.00 -7.82
CA THR B 23 -15.86 30.71 -6.57
C THR B 23 -15.37 29.71 -5.54
N TRP B 24 -14.94 30.19 -4.39
CA TRP B 24 -14.43 29.30 -3.35
C TRP B 24 -15.41 28.18 -3.07
N GLU B 25 -16.67 28.55 -2.92
CA GLU B 25 -17.74 27.60 -2.62
C GLU B 25 -17.92 26.57 -3.72
N ASP B 26 -17.86 27.01 -4.97
CA ASP B 26 -18.02 26.06 -6.08
C ASP B 26 -16.80 25.18 -6.19
N ALA B 27 -15.63 25.72 -5.87
CA ALA B 27 -14.40 24.94 -5.92
C ALA B 27 -14.50 23.83 -4.88
N GLU B 28 -14.97 24.16 -3.67
CA GLU B 28 -15.12 23.17 -2.61
C GLU B 28 -16.06 22.06 -3.03
N MET B 29 -17.28 22.45 -3.44
CA MET B 29 -18.27 21.48 -3.87
C MET B 29 -17.79 20.68 -5.07
N PHE B 30 -17.02 21.29 -5.96
CA PHE B 30 -16.52 20.55 -7.10
C PHE B 30 -15.60 19.44 -6.60
N CYS B 31 -14.72 19.77 -5.66
CA CYS B 31 -13.81 18.77 -5.13
C CYS B 31 -14.60 17.67 -4.42
N ARG B 32 -15.58 18.07 -3.63
CA ARG B 32 -16.41 17.13 -2.88
C ARG B 32 -17.11 16.13 -3.76
N LYS B 33 -17.51 16.57 -4.94
CA LYS B 33 -18.23 15.70 -5.85
C LYS B 33 -17.35 15.00 -6.86
N TYR B 34 -16.06 15.31 -6.86
CA TYR B 34 -15.15 14.67 -7.80
C TYR B 34 -15.12 13.18 -7.46
N LYS B 35 -14.98 12.88 -6.18
CA LYS B 35 -14.99 11.51 -5.67
C LYS B 35 -15.09 11.63 -4.16
N PRO B 36 -15.77 10.68 -3.51
CA PRO B 36 -15.87 10.81 -2.05
C PRO B 36 -14.55 10.91 -1.28
N GLY B 37 -14.45 11.92 -0.43
CA GLY B 37 -13.26 12.11 0.36
C GLY B 37 -12.34 13.22 -0.14
N CYS B 38 -12.87 14.11 -0.99
CA CYS B 38 -12.07 15.20 -1.53
C CYS B 38 -12.54 16.55 -1.02
N HIS B 39 -11.60 17.48 -0.89
CA HIS B 39 -11.89 18.82 -0.42
C HIS B 39 -10.88 19.77 -1.03
N LEU B 40 -11.06 21.06 -0.76
CA LEU B 40 -10.07 22.01 -1.23
C LEU B 40 -8.92 21.59 -0.34
N ALA B 41 -7.70 21.66 -0.84
CA ALA B 41 -6.55 21.24 -0.07
C ALA B 41 -6.31 22.06 1.17
N SER B 42 -5.75 21.41 2.19
CA SER B 42 -5.37 22.05 3.44
C SER B 42 -3.86 21.79 3.56
N PHE B 43 -3.16 22.66 4.29
CA PHE B 43 -1.70 22.53 4.46
C PHE B 43 -1.38 22.38 5.94
N HIS B 44 -0.28 21.71 6.24
CA HIS B 44 0.09 21.50 7.63
C HIS B 44 1.57 21.54 7.88
N ARG B 45 2.35 21.71 6.82
CA ARG B 45 3.80 21.77 6.97
C ARG B 45 4.46 22.52 5.82
N TYR B 46 5.60 23.13 6.14
CA TYR B 46 6.41 23.93 5.21
C TYR B 46 6.69 23.21 3.89
N GLY B 47 7.05 21.93 3.98
CA GLY B 47 7.36 21.16 2.80
C GLY B 47 6.22 21.04 1.81
N GLU B 48 5.00 20.93 2.31
CA GLU B 48 3.83 20.82 1.44
C GLU B 48 3.63 22.11 0.65
N SER B 49 3.76 23.25 1.32
CA SER B 49 3.60 24.54 0.65
C SER B 49 4.53 24.61 -0.54
N LEU B 50 5.82 24.34 -0.30
CA LEU B 50 6.83 24.37 -1.35
C LEU B 50 6.47 23.37 -2.45
N GLU B 51 6.16 22.15 -2.04
CA GLU B 51 5.79 21.07 -2.96
C GLU B 51 4.65 21.53 -3.87
N ILE B 52 3.54 21.90 -3.25
CA ILE B 52 2.37 22.37 -3.97
C ILE B 52 2.70 23.57 -4.85
N ALA B 53 3.38 24.55 -4.28
CA ALA B 53 3.77 25.76 -5.00
C ALA B 53 4.43 25.42 -6.33
N GLU B 54 5.41 24.53 -6.30
CA GLU B 54 6.08 24.14 -7.53
C GLU B 54 5.14 23.32 -8.40
N TYR B 55 4.31 22.49 -7.77
CA TYR B 55 3.37 21.70 -8.54
C TYR B 55 2.46 22.61 -9.37
N ILE B 56 1.78 23.52 -8.69
CA ILE B 56 0.87 24.43 -9.37
C ILE B 56 1.54 25.24 -10.45
N SER B 57 2.73 25.75 -10.17
CA SER B 57 3.46 26.53 -11.16
C SER B 57 3.69 25.75 -12.46
N ASP B 58 3.97 24.45 -12.35
CA ASP B 58 4.21 23.64 -13.55
C ASP B 58 2.96 23.11 -14.23
N TYR B 59 1.85 23.01 -13.50
CA TYR B 59 0.63 22.48 -14.08
C TYR B 59 -0.56 23.41 -14.24
N HIS B 60 -0.47 24.61 -13.68
CA HIS B 60 -1.57 25.55 -13.79
C HIS B 60 -1.59 26.26 -15.15
N LYS B 61 -2.53 25.85 -16.00
CA LYS B 61 -2.70 26.43 -17.31
C LYS B 61 -3.33 27.80 -17.12
N GLY B 62 -2.62 28.67 -16.41
CA GLY B 62 -3.15 30.00 -16.15
C GLY B 62 -2.20 30.89 -15.39
N GLN B 63 -2.74 31.90 -14.73
CA GLN B 63 -1.96 32.87 -13.97
C GLN B 63 -2.69 33.26 -12.68
N GLU B 64 -3.97 32.89 -12.59
CA GLU B 64 -4.78 33.22 -11.43
C GLU B 64 -4.31 32.62 -10.10
N ASN B 65 -5.00 33.01 -9.04
CA ASN B 65 -4.67 32.50 -7.71
C ASN B 65 -5.41 31.17 -7.55
N VAL B 66 -5.05 30.41 -6.53
CA VAL B 66 -5.65 29.11 -6.31
C VAL B 66 -6.36 29.01 -4.97
N TRP B 67 -7.62 28.59 -4.99
CA TRP B 67 -8.39 28.44 -3.76
C TRP B 67 -7.88 27.24 -3.00
N ILE B 68 -7.89 27.32 -1.67
CA ILE B 68 -7.51 26.21 -0.83
C ILE B 68 -8.62 26.10 0.20
N GLY B 69 -8.69 24.99 0.94
CA GLY B 69 -9.76 24.79 1.90
C GLY B 69 -9.82 25.63 3.16
N LEU B 70 -9.07 26.72 3.21
CA LEU B 70 -9.09 27.56 4.40
C LEU B 70 -10.10 28.68 4.19
N ARG B 71 -10.98 28.85 5.16
CA ARG B 71 -12.04 29.86 5.09
C ARG B 71 -12.48 30.27 6.49
N ASP B 72 -12.78 31.56 6.66
CA ASP B 72 -13.22 32.11 7.94
C ASP B 72 -14.74 32.12 8.06
N LYS B 73 -15.30 30.93 8.29
CA LYS B 73 -16.73 30.72 8.41
C LYS B 73 -17.49 31.77 9.23
N LYS B 74 -17.00 32.05 10.44
CA LYS B 74 -17.66 33.01 11.30
C LYS B 74 -17.15 34.44 11.16
N LYS B 75 -16.56 34.73 9.99
CA LYS B 75 -16.04 36.06 9.67
C LYS B 75 -15.43 36.81 10.85
N ASP B 76 -14.57 36.13 11.61
CA ASP B 76 -13.94 36.74 12.77
C ASP B 76 -12.52 36.24 12.98
N PHE B 77 -11.86 35.84 11.90
CA PHE B 77 -10.50 35.34 11.97
C PHE B 77 -10.39 33.97 12.63
N SER B 78 -11.44 33.17 12.50
CA SER B 78 -11.47 31.82 13.03
C SER B 78 -11.46 30.90 11.81
N TRP B 79 -10.28 30.81 11.20
CA TRP B 79 -10.08 30.02 9.99
C TRP B 79 -10.15 28.51 10.21
N GLU B 80 -10.90 27.85 9.35
CA GLU B 80 -11.09 26.40 9.43
C GLU B 80 -10.95 25.75 8.06
N TRP B 81 -10.39 24.55 8.05
CA TRP B 81 -10.21 23.81 6.80
C TRP B 81 -11.46 23.01 6.50
N THR B 82 -11.85 22.99 5.23
CA THR B 82 -13.03 22.26 4.82
C THR B 82 -12.89 20.77 5.04
N ASP B 83 -11.66 20.26 5.07
CA ASP B 83 -11.48 18.83 5.28
C ASP B 83 -11.50 18.55 6.78
N ARG B 84 -11.82 19.57 7.56
CA ARG B 84 -11.88 19.46 9.01
C ARG B 84 -10.52 19.06 9.57
N SER B 85 -9.51 19.00 8.70
CA SER B 85 -8.18 18.64 9.15
C SER B 85 -7.82 19.64 10.20
N CYS B 86 -6.73 19.38 10.91
CA CYS B 86 -6.43 20.32 11.93
C CYS B 86 -5.64 21.62 11.56
N THR B 87 -6.28 22.77 11.80
CA THR B 87 -5.74 24.12 11.53
C THR B 87 -4.55 24.46 12.43
N ASP B 88 -3.35 24.04 12.03
CA ASP B 88 -2.16 24.26 12.85
C ASP B 88 -0.97 24.78 12.06
N TYR B 89 -1.23 25.22 10.83
CA TYR B 89 -0.20 25.73 9.97
C TYR B 89 -0.79 26.88 9.17
N LEU B 90 -0.07 27.99 9.11
CA LEU B 90 -0.55 29.16 8.39
C LEU B 90 0.64 29.89 7.74
N THR B 91 0.64 29.97 6.42
CA THR B 91 1.71 30.65 5.71
C THR B 91 1.11 31.87 4.99
N TRP B 92 0.61 32.79 5.80
CA TRP B 92 0.00 34.03 5.31
C TRP B 92 1.00 34.90 4.56
N ASP B 93 0.50 35.62 3.54
CA ASP B 93 1.34 36.51 2.76
C ASP B 93 1.49 37.81 3.56
N LYS B 94 2.38 38.68 3.11
CA LYS B 94 2.63 39.96 3.78
C LYS B 94 1.35 40.75 4.05
N ASN B 95 1.15 41.11 5.32
CA ASN B 95 -0.01 41.88 5.76
C ASN B 95 -1.34 41.14 5.71
N GLN B 96 -1.28 39.83 5.51
CA GLN B 96 -2.49 39.01 5.46
C GLN B 96 -2.59 38.16 6.73
N PRO B 97 -3.82 37.83 7.16
CA PRO B 97 -5.09 38.22 6.54
C PRO B 97 -5.52 39.60 7.03
N ASP B 98 -6.42 40.25 6.29
CA ASP B 98 -6.86 41.58 6.66
C ASP B 98 -8.36 41.78 6.52
N HIS B 99 -9.04 40.81 5.90
CA HIS B 99 -10.49 40.92 5.69
C HIS B 99 -10.74 42.23 4.96
N TYR B 100 -9.92 42.54 3.97
CA TYR B 100 -10.03 43.77 3.19
C TYR B 100 -11.50 44.14 2.95
N GLN B 101 -11.84 45.40 3.23
CA GLN B 101 -13.20 45.91 3.06
C GLN B 101 -14.22 45.09 3.83
N ASN B 102 -13.72 44.22 4.71
CA ASN B 102 -14.57 43.37 5.52
C ASN B 102 -15.41 42.44 4.64
N LYS B 103 -14.80 41.93 3.57
CA LYS B 103 -15.49 41.04 2.66
C LYS B 103 -14.64 39.89 2.11
N GLU B 104 -13.46 39.69 2.70
CA GLU B 104 -12.55 38.61 2.30
C GLU B 104 -12.55 37.54 3.40
N PHE B 105 -13.12 36.38 3.11
CA PHE B 105 -13.18 35.31 4.09
C PHE B 105 -12.75 33.94 3.58
N CYS B 106 -12.20 33.89 2.37
CA CYS B 106 -11.76 32.63 1.79
C CYS B 106 -10.29 32.75 1.42
N VAL B 107 -9.52 31.68 1.61
CA VAL B 107 -8.09 31.74 1.36
C VAL B 107 -7.60 31.20 0.04
N GLU B 108 -6.66 31.92 -0.56
CA GLU B 108 -6.09 31.55 -1.84
C GLU B 108 -4.57 31.58 -1.79
N LEU B 109 -3.96 30.81 -2.67
CA LEU B 109 -2.51 30.79 -2.79
C LEU B 109 -2.19 31.96 -3.69
N VAL B 110 -1.43 32.92 -3.17
CA VAL B 110 -1.06 34.10 -3.93
C VAL B 110 -0.12 33.76 -5.07
N SER B 111 -0.61 33.92 -6.29
CA SER B 111 0.17 33.62 -7.49
C SER B 111 1.49 34.42 -7.55
N LEU B 112 1.47 35.65 -7.06
CA LEU B 112 2.66 36.48 -7.08
C LEU B 112 3.71 36.09 -6.04
N THR B 113 3.35 35.21 -5.12
CA THR B 113 4.30 34.75 -4.11
C THR B 113 4.72 33.34 -4.50
N GLY B 114 4.56 33.01 -5.78
CA GLY B 114 4.91 31.69 -6.25
C GLY B 114 4.00 30.64 -5.63
N TYR B 115 2.76 31.04 -5.33
CA TYR B 115 1.77 30.16 -4.73
C TYR B 115 2.22 29.57 -3.41
N ARG B 116 3.06 30.32 -2.69
CA ARG B 116 3.57 29.85 -1.42
C ARG B 116 2.88 30.51 -0.22
N LEU B 117 2.49 31.76 -0.40
CA LEU B 117 1.83 32.48 0.69
C LEU B 117 0.33 32.58 0.49
N TRP B 118 -0.40 32.75 1.58
CA TRP B 118 -1.85 32.82 1.51
C TRP B 118 -2.43 34.23 1.64
N ASN B 119 -3.63 34.40 1.10
CA ASN B 119 -4.32 35.67 1.15
C ASN B 119 -5.81 35.43 1.33
N ASP B 120 -6.43 36.10 2.30
CA ASP B 120 -7.85 35.93 2.46
C ASP B 120 -8.40 36.74 1.30
N GLN B 121 -9.42 36.20 0.64
CA GLN B 121 -9.96 36.83 -0.55
C GLN B 121 -11.49 36.81 -0.58
N VAL B 122 -12.07 37.56 -1.52
CA VAL B 122 -13.51 37.58 -1.68
C VAL B 122 -13.92 36.20 -2.19
N CYS B 123 -14.74 35.50 -1.41
CA CYS B 123 -15.15 34.16 -1.77
C CYS B 123 -15.78 34.02 -3.15
N GLU B 124 -16.35 35.11 -3.67
CA GLU B 124 -16.99 35.07 -4.99
C GLU B 124 -15.99 35.29 -6.10
N SER B 125 -14.72 35.52 -5.76
CA SER B 125 -13.72 35.72 -6.80
C SER B 125 -13.57 34.39 -7.52
N LYS B 126 -13.20 34.45 -8.79
CA LYS B 126 -13.00 33.25 -9.58
C LYS B 126 -11.51 32.97 -9.55
N ASP B 127 -11.17 31.80 -9.02
CA ASP B 127 -9.79 31.36 -8.94
C ASP B 127 -9.72 29.93 -9.45
N ALA B 128 -8.51 29.42 -9.62
CA ALA B 128 -8.34 28.03 -9.99
C ALA B 128 -8.36 27.41 -8.59
N PHE B 129 -8.36 26.08 -8.49
CA PHE B 129 -8.38 25.48 -7.17
C PHE B 129 -7.61 24.18 -7.00
N LEU B 130 -7.18 23.94 -5.78
CA LEU B 130 -6.43 22.73 -5.47
C LEU B 130 -7.32 21.74 -4.72
N CYS B 131 -7.65 20.63 -5.36
CA CYS B 131 -8.45 19.62 -4.68
C CYS B 131 -7.47 18.72 -3.96
N GLN B 132 -7.98 18.04 -2.94
CA GLN B 132 -7.21 17.14 -2.12
C GLN B 132 -8.10 15.94 -1.90
N CYS B 133 -7.62 14.74 -2.22
CA CYS B 133 -8.42 13.53 -2.03
C CYS B 133 -7.71 12.39 -1.33
N LYS B 134 -8.52 11.46 -0.85
CA LYS B 134 -8.06 10.25 -0.19
C LYS B 134 -8.49 9.20 -1.21
N PHE B 135 -7.57 8.38 -1.70
CA PHE B 135 -7.94 7.36 -2.67
C PHE B 135 -7.92 5.94 -2.12
N ASN C 2 -6.55 2.79 1.00
CA ASN C 2 -6.91 2.83 -0.45
C ASN C 2 -8.24 2.10 -0.70
N CYS C 3 -9.13 2.76 -1.42
CA CYS C 3 -10.46 2.22 -1.71
C CYS C 3 -10.81 2.40 -3.18
N PRO C 4 -11.91 1.76 -3.61
CA PRO C 4 -12.37 1.87 -5.00
C PRO C 4 -12.78 3.34 -5.18
N LEU C 5 -12.75 3.86 -6.40
CA LEU C 5 -13.06 5.26 -6.64
C LEU C 5 -14.42 5.81 -6.20
N ASP C 6 -15.40 4.96 -5.96
CA ASP C 6 -16.71 5.45 -5.52
C ASP C 6 -16.99 5.14 -4.06
N TRP C 7 -15.92 4.87 -3.31
CA TRP C 7 -16.03 4.59 -1.89
C TRP C 7 -15.29 5.67 -1.14
N LEU C 8 -15.67 5.87 0.11
CA LEU C 8 -15.05 6.89 0.96
C LEU C 8 -14.01 6.32 1.90
N PRO C 9 -12.72 6.60 1.65
CA PRO C 9 -11.63 6.10 2.51
C PRO C 9 -11.71 6.79 3.85
N MET C 10 -11.74 6.04 4.94
CA MET C 10 -11.80 6.69 6.24
C MET C 10 -11.25 5.81 7.35
N ASN C 11 -10.13 6.24 7.93
CA ASN C 11 -9.46 5.53 9.01
C ASN C 11 -9.25 4.04 8.77
N GLY C 12 -8.68 3.71 7.62
CA GLY C 12 -8.41 2.32 7.30
C GLY C 12 -9.55 1.58 6.63
N LEU C 13 -10.75 2.13 6.69
CA LEU C 13 -11.90 1.48 6.07
C LEU C 13 -12.48 2.27 4.92
N CYS C 14 -13.35 1.61 4.16
CA CYS C 14 -14.01 2.23 3.02
C CYS C 14 -15.50 2.22 3.27
N TYR C 15 -16.16 3.35 3.02
CA TYR C 15 -17.59 3.46 3.24
C TYR C 15 -18.34 3.87 1.99
N LYS C 16 -19.59 3.45 1.89
CA LYS C 16 -20.39 3.79 0.73
C LYS C 16 -21.86 3.68 1.03
N ILE C 17 -22.62 4.71 0.67
CA ILE C 17 -24.06 4.66 0.88
C ILE C 17 -24.68 4.00 -0.32
N PHE C 18 -25.67 3.16 -0.06
CA PHE C 18 -26.39 2.49 -1.12
C PHE C 18 -27.81 3.02 -1.04
N ASN C 19 -28.26 3.59 -2.17
CA ASN C 19 -29.57 4.18 -2.26
C ASN C 19 -30.70 3.15 -2.22
N GLN C 20 -30.34 1.88 -2.40
CA GLN C 20 -31.34 0.81 -2.36
C GLN C 20 -31.96 0.78 -0.98
N LEU C 21 -33.27 0.58 -0.92
CA LEU C 21 -33.99 0.53 0.34
C LEU C 21 -34.12 -0.92 0.79
N LYS C 22 -33.75 -1.18 2.04
CA LYS C 22 -33.83 -2.54 2.56
C LYS C 22 -34.08 -2.46 4.05
N THR C 23 -34.50 -3.60 4.62
CA THR C 23 -34.72 -3.65 6.06
C THR C 23 -33.31 -3.64 6.63
N TRP C 24 -33.17 -3.35 7.92
CA TRP C 24 -31.86 -3.33 8.53
C TRP C 24 -31.14 -4.64 8.20
N GLU C 25 -31.79 -5.75 8.53
CA GLU C 25 -31.26 -7.08 8.29
C GLU C 25 -30.74 -7.26 6.86
N ASP C 26 -31.60 -6.98 5.89
CA ASP C 26 -31.23 -7.11 4.48
C ASP C 26 -30.14 -6.13 4.06
N ALA C 27 -29.94 -5.07 4.85
CA ALA C 27 -28.91 -4.09 4.53
C ALA C 27 -27.57 -4.71 4.97
N GLU C 28 -27.54 -5.22 6.20
CA GLU C 28 -26.34 -5.87 6.72
C GLU C 28 -25.92 -6.98 5.76
N MET C 29 -26.88 -7.85 5.41
CA MET C 29 -26.61 -8.96 4.52
C MET C 29 -26.14 -8.51 3.16
N PHE C 30 -26.66 -7.38 2.68
CA PHE C 30 -26.23 -6.89 1.39
C PHE C 30 -24.77 -6.47 1.49
N CYS C 31 -24.42 -5.80 2.59
CA CYS C 31 -23.04 -5.37 2.77
C CYS C 31 -22.16 -6.62 2.90
N ARG C 32 -22.53 -7.54 3.78
CA ARG C 32 -21.76 -8.76 3.97
C ARG C 32 -21.53 -9.54 2.68
N LYS C 33 -22.50 -9.51 1.78
CA LYS C 33 -22.37 -10.24 0.52
C LYS C 33 -21.90 -9.38 -0.64
N TYR C 34 -21.56 -8.13 -0.36
CA TYR C 34 -21.06 -7.26 -1.41
C TYR C 34 -19.64 -7.72 -1.74
N LYS C 35 -18.92 -8.09 -0.68
CA LYS C 35 -17.57 -8.60 -0.80
C LYS C 35 -17.18 -8.98 0.62
N PRO C 36 -16.31 -9.98 0.79
CA PRO C 36 -15.94 -10.34 2.16
C PRO C 36 -15.26 -9.22 2.95
N GLY C 37 -15.67 -9.07 4.20
CA GLY C 37 -15.10 -8.05 5.06
C GLY C 37 -15.93 -6.79 5.15
N CYS C 38 -17.20 -6.87 4.79
CA CYS C 38 -18.07 -5.71 4.84
C CYS C 38 -19.21 -5.87 5.82
N HIS C 39 -19.63 -4.75 6.39
CA HIS C 39 -20.74 -4.72 7.32
C HIS C 39 -21.37 -3.35 7.17
N LEU C 40 -22.44 -3.11 7.91
CA LEU C 40 -23.08 -1.82 7.91
C LEU C 40 -22.04 -1.03 8.70
N ALA C 41 -21.79 0.20 8.29
CA ALA C 41 -20.79 1.01 8.95
C ALA C 41 -20.94 1.07 10.47
N SER C 42 -19.81 1.18 11.15
CA SER C 42 -19.78 1.34 12.60
C SER C 42 -19.06 2.68 12.77
N PHE C 43 -19.34 3.37 13.87
CA PHE C 43 -18.73 4.68 14.13
C PHE C 43 -17.98 4.68 15.45
N HIS C 44 -16.86 5.38 15.50
CA HIS C 44 -16.06 5.41 16.72
C HIS C 44 -15.44 6.75 17.07
N ARG C 45 -15.81 7.80 16.35
CA ARG C 45 -15.29 9.13 16.65
C ARG C 45 -16.13 10.20 15.95
N TYR C 46 -16.20 11.38 16.57
CA TYR C 46 -16.99 12.47 16.04
C TYR C 46 -16.57 12.81 14.62
N GLY C 47 -15.26 12.80 14.40
CA GLY C 47 -14.76 13.10 13.08
C GLY C 47 -15.40 12.22 12.01
N GLU C 48 -15.64 10.95 12.32
CA GLU C 48 -16.26 10.06 11.35
C GLU C 48 -17.70 10.44 11.05
N SER C 49 -18.45 10.81 12.08
CA SER C 49 -19.85 11.22 11.90
C SER C 49 -19.91 12.39 10.91
N LEU C 50 -19.03 13.35 11.12
CA LEU C 50 -18.96 14.53 10.25
C LEU C 50 -18.64 14.14 8.81
N GLU C 51 -17.55 13.42 8.64
CA GLU C 51 -17.11 12.98 7.31
C GLU C 51 -18.22 12.22 6.59
N ILE C 52 -18.78 11.22 7.25
CA ILE C 52 -19.85 10.42 6.67
C ILE C 52 -21.13 11.22 6.45
N ALA C 53 -21.48 12.08 7.40
CA ALA C 53 -22.67 12.92 7.27
C ALA C 53 -22.54 13.76 5.99
N GLU C 54 -21.37 14.36 5.82
CA GLU C 54 -21.10 15.19 4.67
C GLU C 54 -21.09 14.32 3.42
N TYR C 55 -20.45 13.16 3.53
CA TYR C 55 -20.40 12.25 2.41
C TYR C 55 -21.81 11.90 1.95
N ILE C 56 -22.65 11.48 2.89
CA ILE C 56 -24.02 11.13 2.56
C ILE C 56 -24.80 12.29 1.98
N SER C 57 -24.68 13.48 2.57
CA SER C 57 -25.39 14.65 2.05
C SER C 57 -25.01 14.88 0.58
N ASP C 58 -23.73 14.72 0.28
CA ASP C 58 -23.23 14.93 -1.08
C ASP C 58 -23.53 13.79 -2.04
N TYR C 59 -23.44 12.55 -1.57
CA TYR C 59 -23.64 11.43 -2.47
C TYR C 59 -24.94 10.66 -2.42
N HIS C 60 -25.67 10.75 -1.32
CA HIS C 60 -26.92 10.01 -1.23
C HIS C 60 -27.98 10.57 -2.17
N LYS C 61 -28.36 9.75 -3.15
CA LYS C 61 -29.36 10.11 -4.14
C LYS C 61 -30.74 9.79 -3.55
N GLY C 62 -31.12 10.54 -2.53
CA GLY C 62 -32.40 10.33 -1.89
C GLY C 62 -32.61 11.27 -0.72
N GLN C 63 -33.60 10.93 0.12
CA GLN C 63 -33.94 11.74 1.28
C GLN C 63 -34.25 10.85 2.49
N GLU C 64 -34.09 9.54 2.30
CA GLU C 64 -34.36 8.59 3.37
C GLU C 64 -33.26 8.52 4.42
N ASN C 65 -33.56 7.85 5.52
CA ASN C 65 -32.57 7.69 6.58
C ASN C 65 -31.62 6.60 6.16
N VAL C 66 -30.51 6.49 6.88
CA VAL C 66 -29.51 5.49 6.52
C VAL C 66 -29.22 4.51 7.63
N TRP C 67 -29.35 3.23 7.31
CA TRP C 67 -29.07 2.18 8.28
C TRP C 67 -27.56 2.15 8.50
N ILE C 68 -27.16 1.87 9.73
CA ILE C 68 -25.76 1.71 10.11
C ILE C 68 -25.78 0.41 10.92
N GLY C 69 -24.61 -0.18 11.16
CA GLY C 69 -24.56 -1.45 11.87
C GLY C 69 -24.91 -1.61 13.33
N LEU C 70 -25.44 -0.57 13.96
CA LEU C 70 -25.77 -0.65 15.38
C LEU C 70 -27.19 -1.15 15.61
N ARG C 71 -27.33 -2.22 16.39
CA ARG C 71 -28.62 -2.78 16.67
C ARG C 71 -28.65 -3.37 18.07
N ASP C 72 -29.77 -3.16 18.77
CA ASP C 72 -29.93 -3.68 20.12
C ASP C 72 -30.49 -5.09 20.03
N LYS C 73 -29.61 -6.05 19.75
CA LYS C 73 -29.97 -7.45 19.58
C LYS C 73 -30.76 -8.05 20.74
N LYS C 74 -30.36 -7.73 21.97
CA LYS C 74 -31.04 -8.28 23.13
C LYS C 74 -32.19 -7.40 23.61
N LYS C 75 -32.68 -6.56 22.72
CA LYS C 75 -33.80 -5.66 22.98
C LYS C 75 -33.82 -5.03 24.38
N ASP C 76 -32.64 -4.87 24.98
CA ASP C 76 -32.56 -4.28 26.30
C ASP C 76 -31.55 -3.13 26.34
N PHE C 77 -31.47 -2.38 25.25
CA PHE C 77 -30.55 -1.25 25.15
C PHE C 77 -29.07 -1.62 25.18
N SER C 78 -28.76 -2.80 24.67
CA SER C 78 -27.37 -3.26 24.58
C SER C 78 -27.05 -3.12 23.10
N TRP C 79 -26.51 -1.97 22.72
CA TRP C 79 -26.20 -1.70 21.33
C TRP C 79 -24.90 -2.36 20.89
N GLU C 80 -24.96 -3.05 19.76
CA GLU C 80 -23.79 -3.74 19.26
C GLU C 80 -23.61 -3.53 17.78
N TRP C 81 -22.36 -3.31 17.37
CA TRP C 81 -22.02 -3.12 15.97
C TRP C 81 -21.92 -4.49 15.30
N THR C 82 -22.41 -4.58 14.08
CA THR C 82 -22.37 -5.84 13.35
C THR C 82 -20.94 -6.25 13.02
N ASP C 83 -20.05 -5.27 12.86
CA ASP C 83 -18.66 -5.58 12.55
C ASP C 83 -17.90 -5.91 13.83
N ARG C 84 -18.66 -6.24 14.87
CA ARG C 84 -18.08 -6.60 16.15
C ARG C 84 -17.12 -5.59 16.75
N SER C 85 -17.10 -4.38 16.19
CA SER C 85 -16.24 -3.35 16.74
C SER C 85 -16.85 -3.00 18.08
N CYS C 86 -16.16 -2.15 18.83
CA CYS C 86 -16.62 -1.77 20.16
C CYS C 86 -17.58 -0.58 20.19
N THR C 87 -18.53 -0.63 21.11
CA THR C 87 -19.48 0.46 21.25
C THR C 87 -18.86 1.45 22.23
N ASP C 88 -17.98 2.31 21.73
CA ASP C 88 -17.30 3.31 22.53
C ASP C 88 -17.62 4.73 22.01
N TYR C 89 -18.65 4.81 21.19
CA TYR C 89 -19.08 6.06 20.60
C TYR C 89 -20.54 5.92 20.21
N LEU C 90 -21.35 6.88 20.65
CA LEU C 90 -22.77 6.91 20.35
C LEU C 90 -23.17 8.37 20.15
N THR C 91 -23.80 8.69 19.03
CA THR C 91 -24.22 10.06 18.77
C THR C 91 -25.72 10.06 18.49
N TRP C 92 -26.47 9.64 19.50
CA TRP C 92 -27.92 9.55 19.44
C TRP C 92 -28.59 10.90 19.20
N ASP C 93 -29.65 10.89 18.39
CA ASP C 93 -30.40 12.10 18.11
C ASP C 93 -31.29 12.36 19.31
N LYS C 94 -31.73 13.61 19.47
CA LYS C 94 -32.57 13.99 20.60
C LYS C 94 -33.70 13.02 20.92
N ASN C 95 -33.81 12.66 22.19
CA ASN C 95 -34.85 11.74 22.67
C ASN C 95 -34.66 10.28 22.25
N GLN C 96 -33.55 9.99 21.60
CA GLN C 96 -33.26 8.63 21.15
C GLN C 96 -32.12 8.02 21.96
N PRO C 97 -32.09 6.67 22.07
CA PRO C 97 -33.06 5.73 21.51
C PRO C 97 -34.28 5.67 22.43
N ASP C 98 -35.40 5.20 21.91
CA ASP C 98 -36.60 5.13 22.73
C ASP C 98 -37.36 3.81 22.66
N HIS C 99 -37.11 3.03 21.62
CA HIS C 99 -37.82 1.77 21.45
C HIS C 99 -39.29 2.12 21.29
N TYR C 100 -39.56 3.09 20.43
CA TYR C 100 -40.91 3.55 20.17
C TYR C 100 -41.80 2.35 19.90
N GLN C 101 -42.88 2.22 20.65
CA GLN C 101 -43.82 1.10 20.49
C GLN C 101 -43.09 -0.23 20.61
N ASN C 102 -42.00 -0.24 21.37
CA ASN C 102 -41.19 -1.45 21.58
C ASN C 102 -40.96 -2.24 20.29
N LYS C 103 -40.77 -1.53 19.18
CA LYS C 103 -40.56 -2.19 17.90
C LYS C 103 -39.43 -1.52 17.11
N GLU C 104 -38.55 -0.86 17.84
CA GLU C 104 -37.41 -0.17 17.22
C GLU C 104 -36.12 -0.59 17.89
N PHE C 105 -35.33 -1.41 17.20
CA PHE C 105 -34.07 -1.88 17.75
C PHE C 105 -32.87 -1.69 16.82
N CYS C 106 -33.11 -1.19 15.61
CA CYS C 106 -32.04 -0.98 14.63
C CYS C 106 -31.76 0.50 14.41
N VAL C 107 -30.49 0.88 14.43
CA VAL C 107 -30.12 2.28 14.26
C VAL C 107 -30.00 2.77 12.82
N GLU C 108 -30.34 4.04 12.64
CA GLU C 108 -30.27 4.68 11.33
C GLU C 108 -29.72 6.09 11.52
N LEU C 109 -29.22 6.67 10.44
CA LEU C 109 -28.72 8.04 10.47
C LEU C 109 -29.94 8.86 10.11
N VAL C 110 -30.25 9.84 10.96
CA VAL C 110 -31.41 10.68 10.74
C VAL C 110 -31.18 11.76 9.70
N SER C 111 -31.95 11.68 8.61
CA SER C 111 -31.86 12.62 7.50
C SER C 111 -32.01 14.09 7.91
N LEU C 112 -33.05 14.38 8.70
CA LEU C 112 -33.29 15.75 9.14
C LEU C 112 -32.14 16.34 9.95
N THR C 113 -31.28 15.47 10.49
CA THR C 113 -30.13 15.92 11.26
C THR C 113 -28.92 16.00 10.35
N GLY C 114 -29.16 15.85 9.05
CA GLY C 114 -28.07 15.90 8.09
C GLY C 114 -27.23 14.65 8.19
N TYR C 115 -27.84 13.56 8.64
CA TYR C 115 -27.15 12.28 8.80
C TYR C 115 -26.02 12.32 9.83
N ARG C 116 -26.20 13.11 10.88
CA ARG C 116 -25.19 13.22 11.91
C ARG C 116 -25.59 12.51 13.19
N LEU C 117 -26.89 12.47 13.48
CA LEU C 117 -27.36 11.81 14.68
C LEU C 117 -28.13 10.53 14.39
N TRP C 118 -28.15 9.63 15.37
CA TRP C 118 -28.81 8.34 15.23
C TRP C 118 -30.18 8.25 15.89
N ASN C 119 -30.88 7.19 15.54
CA ASN C 119 -32.21 6.92 16.07
C ASN C 119 -32.54 5.44 15.92
N ASP C 120 -33.18 4.86 16.94
CA ASP C 120 -33.57 3.46 16.86
C ASP C 120 -34.81 3.47 15.96
N GLN C 121 -34.93 2.47 15.10
CA GLN C 121 -36.04 2.42 14.17
C GLN C 121 -36.51 0.99 13.91
N VAL C 122 -37.72 0.87 13.35
CA VAL C 122 -38.29 -0.43 13.03
C VAL C 122 -37.35 -1.11 12.05
N CYS C 123 -36.65 -2.13 12.53
CA CYS C 123 -35.72 -2.88 11.71
C CYS C 123 -36.35 -3.24 10.38
N GLU C 124 -37.68 -3.34 10.41
CA GLU C 124 -38.47 -3.68 9.23
C GLU C 124 -38.58 -2.52 8.26
N SER C 125 -38.22 -1.33 8.72
CA SER C 125 -38.28 -0.16 7.86
C SER C 125 -37.36 -0.38 6.68
N LYS C 126 -37.56 0.40 5.63
CA LYS C 126 -36.72 0.29 4.45
C LYS C 126 -35.98 1.60 4.32
N ASP C 127 -34.67 1.56 4.56
CA ASP C 127 -33.83 2.75 4.45
C ASP C 127 -32.74 2.50 3.46
N ALA C 128 -31.95 3.54 3.20
CA ALA C 128 -30.80 3.39 2.33
C ALA C 128 -29.79 2.91 3.37
N PHE C 129 -28.58 2.57 2.96
CA PHE C 129 -27.64 2.11 3.96
C PHE C 129 -26.19 2.43 3.66
N LEU C 130 -25.40 2.44 4.72
CA LEU C 130 -23.98 2.75 4.63
C LEU C 130 -23.20 1.47 4.84
N CYS C 131 -22.51 1.00 3.80
CA CYS C 131 -21.68 -0.18 3.96
C CYS C 131 -20.29 0.28 4.33
N GLN C 132 -19.58 -0.60 5.00
CA GLN C 132 -18.22 -0.34 5.44
C GLN C 132 -17.48 -1.60 5.03
N CYS C 133 -16.35 -1.43 4.35
CA CYS C 133 -15.57 -2.58 3.92
C CYS C 133 -14.10 -2.36 4.10
N LYS C 134 -13.39 -3.47 4.17
CA LYS C 134 -11.94 -3.50 4.27
C LYS C 134 -11.62 -4.02 2.88
N PHE C 135 -10.70 -3.39 2.17
CA PHE C 135 -10.34 -3.87 0.84
C PHE C 135 -8.91 -4.43 0.82
N ASN D 2 -4.87 -5.19 2.06
CA ASN D 2 -5.39 -5.16 0.66
C ASN D 2 -5.30 -6.54 0.02
N CYS D 3 -6.43 -7.00 -0.52
CA CYS D 3 -6.51 -8.32 -1.14
C CYS D 3 -7.34 -8.27 -2.40
N PRO D 4 -7.48 -9.42 -3.07
CA PRO D 4 -8.30 -9.51 -4.28
C PRO D 4 -9.72 -9.33 -3.73
N LEU D 5 -10.65 -8.86 -4.55
CA LEU D 5 -12.01 -8.61 -4.08
C LEU D 5 -12.80 -9.81 -3.55
N ASP D 6 -12.36 -11.03 -3.86
CA ASP D 6 -13.08 -12.21 -3.39
C ASP D 6 -12.47 -12.85 -2.15
N TRP D 7 -11.46 -12.19 -1.58
CA TRP D 7 -10.82 -12.69 -0.38
C TRP D 7 -11.21 -11.82 0.81
N LEU D 8 -11.10 -12.40 2.00
CA LEU D 8 -11.41 -11.67 3.22
C LEU D 8 -10.14 -11.06 3.76
N PRO D 9 -10.04 -9.72 3.76
CA PRO D 9 -8.84 -9.07 4.29
C PRO D 9 -8.96 -9.13 5.80
N MET D 10 -7.89 -9.51 6.48
CA MET D 10 -7.95 -9.58 7.94
C MET D 10 -6.56 -9.57 8.54
N ASN D 11 -6.25 -8.50 9.26
CA ASN D 11 -4.98 -8.32 9.95
C ASN D 11 -3.72 -8.65 9.13
N GLY D 12 -3.58 -8.03 7.97
CA GLY D 12 -2.41 -8.27 7.15
C GLY D 12 -2.53 -9.42 6.16
N LEU D 13 -3.40 -10.39 6.45
CA LEU D 13 -3.57 -11.52 5.55
C LEU D 13 -4.93 -11.52 4.84
N CYS D 14 -5.08 -12.44 3.90
CA CYS D 14 -6.29 -12.57 3.12
C CYS D 14 -6.74 -14.01 3.27
N TYR D 15 -8.03 -14.22 3.43
CA TYR D 15 -8.59 -15.57 3.59
C TYR D 15 -9.66 -15.89 2.56
N LYS D 16 -9.86 -17.18 2.32
CA LYS D 16 -10.85 -17.61 1.35
C LYS D 16 -11.18 -19.09 1.48
N ILE D 17 -12.47 -19.40 1.60
CA ILE D 17 -12.90 -20.78 1.70
C ILE D 17 -13.05 -21.36 0.31
N PHE D 18 -12.57 -22.58 0.14
CA PHE D 18 -12.70 -23.27 -1.12
C PHE D 18 -13.71 -24.37 -0.83
N ASN D 19 -14.58 -24.64 -1.79
CA ASN D 19 -15.64 -25.65 -1.61
C ASN D 19 -15.25 -27.03 -2.09
N GLN D 20 -14.05 -27.17 -2.62
CA GLN D 20 -13.56 -28.45 -3.10
C GLN D 20 -13.17 -29.29 -1.89
N LEU D 21 -13.79 -30.45 -1.70
CA LEU D 21 -13.47 -31.30 -0.56
C LEU D 21 -12.13 -31.99 -0.74
N LYS D 22 -11.32 -31.97 0.30
CA LYS D 22 -9.98 -32.57 0.29
C LYS D 22 -9.58 -32.98 1.69
N THR D 23 -8.65 -33.93 1.79
CA THR D 23 -8.19 -34.34 3.11
C THR D 23 -7.38 -33.14 3.58
N TRP D 24 -7.03 -33.11 4.85
CA TRP D 24 -6.26 -32.01 5.38
C TRP D 24 -4.94 -31.82 4.63
N GLU D 25 -4.25 -32.93 4.38
CA GLU D 25 -2.99 -32.94 3.67
C GLU D 25 -3.11 -32.24 2.32
N ASP D 26 -4.15 -32.59 1.56
CA ASP D 26 -4.36 -32.00 0.25
C ASP D 26 -4.83 -30.55 0.32
N ALA D 27 -5.57 -30.21 1.37
CA ALA D 27 -6.03 -28.84 1.52
C ALA D 27 -4.79 -27.95 1.69
N GLU D 28 -3.85 -28.38 2.53
CA GLU D 28 -2.63 -27.62 2.76
C GLU D 28 -1.87 -27.46 1.47
N MET D 29 -1.72 -28.56 0.73
CA MET D 29 -0.99 -28.55 -0.54
C MET D 29 -1.65 -27.71 -1.62
N PHE D 30 -2.97 -27.63 -1.60
CA PHE D 30 -3.70 -26.83 -2.57
C PHE D 30 -3.46 -25.35 -2.25
N CYS D 31 -3.65 -24.96 -1.00
CA CYS D 31 -3.42 -23.60 -0.57
C CYS D 31 -1.98 -23.21 -0.90
N ARG D 32 -1.05 -24.11 -0.62
CA ARG D 32 0.37 -23.84 -0.87
C ARG D 32 0.64 -23.69 -2.36
N LYS D 33 -0.07 -24.47 -3.17
CA LYS D 33 0.14 -24.41 -4.61
C LYS D 33 -0.79 -23.44 -5.32
N TYR D 34 -1.61 -22.72 -4.56
CA TYR D 34 -2.53 -21.77 -5.14
C TYR D 34 -1.74 -20.57 -5.64
N LYS D 35 -0.98 -19.97 -4.74
CA LYS D 35 -0.12 -18.85 -5.08
C LYS D 35 0.96 -18.91 -4.02
N PRO D 36 2.19 -18.52 -4.35
CA PRO D 36 3.22 -18.59 -3.30
C PRO D 36 2.93 -17.74 -2.06
N GLY D 37 3.04 -18.37 -0.89
CA GLY D 37 2.81 -17.68 0.36
C GLY D 37 1.46 -17.97 0.98
N CYS D 38 0.81 -19.04 0.55
CA CYS D 38 -0.49 -19.40 1.08
C CYS D 38 -0.43 -20.71 1.86
N HIS D 39 -1.35 -20.86 2.80
CA HIS D 39 -1.46 -22.06 3.62
C HIS D 39 -2.90 -22.16 4.07
N LEU D 40 -3.20 -23.20 4.84
CA LEU D 40 -4.53 -23.36 5.41
C LEU D 40 -4.49 -22.23 6.43
N ALA D 41 -5.63 -21.59 6.67
CA ALA D 41 -5.66 -20.48 7.59
C ALA D 41 -5.28 -20.80 9.03
N SER D 42 -4.75 -19.79 9.72
CA SER D 42 -4.38 -19.89 11.13
C SER D 42 -5.09 -18.74 11.86
N PHE D 43 -5.54 -18.99 13.09
CA PHE D 43 -6.21 -17.97 13.89
C PHE D 43 -5.32 -17.60 15.06
N HIS D 44 -5.40 -16.36 15.53
CA HIS D 44 -4.56 -15.93 16.64
C HIS D 44 -5.26 -15.06 17.66
N ARG D 45 -6.56 -14.84 17.48
CA ARG D 45 -7.34 -14.02 18.39
C ARG D 45 -8.83 -14.31 18.22
N TYR D 46 -9.58 -14.23 19.31
CA TYR D 46 -11.00 -14.51 19.28
C TYR D 46 -11.72 -13.70 18.20
N GLY D 47 -11.29 -12.45 18.01
CA GLY D 47 -11.90 -11.60 17.01
C GLY D 47 -11.93 -12.25 15.64
N GLU D 48 -10.79 -12.77 15.21
CA GLU D 48 -10.66 -13.42 13.91
C GLU D 48 -11.58 -14.63 13.75
N SER D 49 -11.73 -15.43 14.80
CA SER D 49 -12.58 -16.62 14.75
C SER D 49 -13.99 -16.26 14.33
N LEU D 50 -14.52 -15.21 14.96
CA LEU D 50 -15.86 -14.75 14.68
C LEU D 50 -15.95 -14.21 13.26
N GLU D 51 -14.96 -13.40 12.88
CA GLU D 51 -14.92 -12.81 11.54
C GLU D 51 -14.86 -13.90 10.47
N ILE D 52 -14.01 -14.90 10.69
CA ILE D 52 -13.87 -15.99 9.74
C ILE D 52 -15.13 -16.84 9.71
N ALA D 53 -15.65 -17.13 10.90
CA ALA D 53 -16.87 -17.94 11.03
C ALA D 53 -17.99 -17.28 10.25
N GLU D 54 -18.16 -15.99 10.47
CA GLU D 54 -19.21 -15.23 9.78
C GLU D 54 -18.96 -15.22 8.27
N TYR D 55 -17.71 -15.04 7.88
CA TYR D 55 -17.38 -15.02 6.46
C TYR D 55 -17.66 -16.36 5.81
N ILE D 56 -17.24 -17.44 6.48
CA ILE D 56 -17.47 -18.77 5.94
C ILE D 56 -18.96 -19.02 5.82
N SER D 57 -19.70 -18.73 6.89
CA SER D 57 -21.16 -18.90 6.89
C SER D 57 -21.76 -18.18 5.70
N ASP D 58 -21.24 -16.98 5.39
CA ASP D 58 -21.74 -16.17 4.28
C ASP D 58 -21.31 -16.59 2.89
N TYR D 59 -20.08 -17.04 2.73
CA TYR D 59 -19.58 -17.41 1.40
C TYR D 59 -19.35 -18.89 1.12
N HIS D 60 -19.39 -19.72 2.15
CA HIS D 60 -19.16 -21.14 1.94
C HIS D 60 -20.32 -21.75 1.15
N LYS D 61 -20.06 -22.10 -0.10
CA LYS D 61 -21.08 -22.71 -0.94
C LYS D 61 -21.18 -24.18 -0.57
N GLY D 62 -21.61 -24.44 0.67
CA GLY D 62 -21.74 -25.80 1.14
C GLY D 62 -22.26 -25.87 2.57
N GLN D 63 -22.11 -27.04 3.17
CA GLN D 63 -22.56 -27.28 4.54
C GLN D 63 -21.51 -28.08 5.31
N GLU D 64 -20.50 -28.56 4.59
CA GLU D 64 -19.42 -29.35 5.17
C GLU D 64 -18.49 -28.52 6.04
N ASN D 65 -17.79 -29.18 6.97
CA ASN D 65 -16.85 -28.48 7.84
C ASN D 65 -15.70 -27.94 7.00
N VAL D 66 -14.79 -27.22 7.64
CA VAL D 66 -13.69 -26.64 6.91
C VAL D 66 -12.35 -26.80 7.63
N TRP D 67 -11.35 -27.25 6.88
CA TRP D 67 -10.00 -27.44 7.40
C TRP D 67 -9.30 -26.11 7.64
N ILE D 68 -8.52 -26.03 8.71
CA ILE D 68 -7.72 -24.84 8.98
C ILE D 68 -6.29 -25.36 9.15
N GLY D 69 -5.31 -24.46 9.22
CA GLY D 69 -3.93 -24.90 9.33
C GLY D 69 -3.40 -25.41 10.65
N LEU D 70 -4.22 -26.11 11.43
CA LEU D 70 -3.78 -26.63 12.72
C LEU D 70 -3.80 -28.15 12.74
N ARG D 71 -2.62 -28.77 12.67
CA ARG D 71 -2.54 -30.22 12.69
C ARG D 71 -1.52 -30.72 13.71
N ASP D 72 -1.89 -31.79 14.41
CA ASP D 72 -1.06 -32.42 15.43
C ASP D 72 -0.17 -33.48 14.80
N LYS D 73 0.94 -33.01 14.23
CA LYS D 73 1.91 -33.87 13.55
C LYS D 73 2.38 -35.05 14.39
N LYS D 74 2.99 -34.78 15.53
CA LYS D 74 3.50 -35.83 16.40
C LYS D 74 2.49 -36.53 17.32
N LYS D 75 1.25 -36.61 16.82
CA LYS D 75 0.12 -37.27 17.50
C LYS D 75 0.10 -37.34 19.04
N ASP D 76 -0.32 -36.25 19.68
CA ASP D 76 -0.39 -36.21 21.15
C ASP D 76 -0.81 -34.82 21.66
N PHE D 77 -1.69 -34.15 20.93
CA PHE D 77 -2.14 -32.82 21.33
C PHE D 77 -1.00 -31.82 21.27
N SER D 78 -0.24 -31.90 20.17
CA SER D 78 0.89 -31.00 19.91
C SER D 78 0.63 -30.37 18.55
N TRP D 79 -0.26 -29.39 18.52
CA TRP D 79 -0.65 -28.71 17.29
C TRP D 79 0.27 -27.54 16.93
N GLU D 80 0.45 -27.32 15.62
CA GLU D 80 1.28 -26.25 15.10
C GLU D 80 0.58 -25.66 13.88
N TRP D 81 0.81 -24.38 13.60
CA TRP D 81 0.20 -23.74 12.44
C TRP D 81 1.14 -23.89 11.24
N THR D 82 0.62 -24.43 10.13
CA THR D 82 1.42 -24.64 8.92
C THR D 82 2.09 -23.37 8.42
N ASP D 83 1.56 -22.23 8.84
CA ASP D 83 2.14 -20.95 8.43
C ASP D 83 3.23 -20.57 9.42
N ARG D 84 3.73 -21.59 10.13
CA ARG D 84 4.79 -21.42 11.11
C ARG D 84 4.65 -20.23 12.07
N SER D 85 3.54 -20.20 12.81
CA SER D 85 3.30 -19.15 13.80
C SER D 85 2.81 -19.82 15.08
N CYS D 86 3.75 -20.27 15.92
CA CYS D 86 3.46 -20.96 17.20
C CYS D 86 2.03 -20.78 17.73
N THR D 87 1.47 -21.86 18.24
CA THR D 87 0.11 -21.87 18.77
C THR D 87 -0.06 -20.95 19.99
N ASP D 88 -0.67 -19.79 19.76
CA ASP D 88 -0.89 -18.81 20.82
C ASP D 88 -2.37 -18.53 21.02
N TYR D 89 -3.21 -19.29 20.32
CA TYR D 89 -4.68 -19.17 20.39
C TYR D 89 -5.32 -20.53 20.17
N LEU D 90 -6.37 -20.83 20.94
CA LEU D 90 -7.10 -22.10 20.85
C LEU D 90 -8.53 -22.03 21.38
N THR D 91 -9.51 -21.97 20.47
CA THR D 91 -10.93 -21.92 20.84
C THR D 91 -11.60 -23.27 20.60
N TRP D 92 -11.14 -24.28 21.33
CA TRP D 92 -11.67 -25.64 21.20
C TRP D 92 -13.15 -25.78 21.56
N ASP D 93 -13.84 -26.59 20.77
CA ASP D 93 -15.26 -26.85 20.98
C ASP D 93 -15.44 -27.71 22.23
N LYS D 94 -16.66 -27.71 22.76
CA LYS D 94 -16.98 -28.50 23.94
C LYS D 94 -16.52 -29.95 23.77
N ASN D 95 -15.76 -30.43 24.74
CA ASN D 95 -15.26 -31.81 24.73
C ASN D 95 -14.30 -32.11 23.57
N GLN D 96 -13.55 -31.09 23.16
CA GLN D 96 -12.57 -31.24 22.08
C GLN D 96 -11.26 -30.59 22.50
N PRO D 97 -10.10 -31.15 22.06
CA PRO D 97 -9.96 -32.34 21.21
C PRO D 97 -10.11 -33.65 21.98
N ASP D 98 -9.60 -34.74 21.40
CA ASP D 98 -9.69 -36.05 22.03
C ASP D 98 -9.11 -37.21 21.21
N HIS D 99 -8.53 -36.91 20.06
CA HIS D 99 -7.96 -37.96 19.20
C HIS D 99 -8.87 -39.18 19.16
N TYR D 100 -10.12 -38.97 18.80
CA TYR D 100 -11.12 -40.03 18.74
C TYR D 100 -10.62 -41.28 18.00
N GLN D 101 -10.35 -42.33 18.77
CA GLN D 101 -9.86 -43.61 18.25
C GLN D 101 -8.38 -43.54 17.88
N ASN D 102 -7.70 -42.53 18.41
CA ASN D 102 -6.27 -42.32 18.17
C ASN D 102 -5.98 -42.12 16.69
N LYS D 103 -6.95 -41.54 15.97
CA LYS D 103 -6.80 -41.29 14.54
C LYS D 103 -7.43 -39.95 14.13
N GLU D 104 -7.07 -38.89 14.86
CA GLU D 104 -7.58 -37.54 14.58
C GLU D 104 -6.58 -36.51 15.10
N PHE D 105 -5.96 -35.75 14.21
CA PHE D 105 -4.99 -34.74 14.62
C PHE D 105 -5.02 -33.46 13.79
N CYS D 106 -6.12 -33.23 13.08
CA CYS D 106 -6.25 -32.05 12.24
C CYS D 106 -7.51 -31.25 12.58
N VAL D 107 -7.31 -30.05 13.12
CA VAL D 107 -8.41 -29.17 13.51
C VAL D 107 -9.29 -28.74 12.35
N GLU D 108 -10.60 -28.72 12.61
CA GLU D 108 -11.56 -28.32 11.60
C GLU D 108 -12.56 -27.36 12.24
N LEU D 109 -13.20 -26.55 11.42
CA LEU D 109 -14.20 -25.61 11.93
C LEU D 109 -15.54 -26.33 11.87
N VAL D 110 -16.16 -26.48 13.05
CA VAL D 110 -17.44 -27.16 13.14
C VAL D 110 -18.56 -26.35 12.49
N SER D 111 -19.12 -26.90 11.42
CA SER D 111 -20.20 -26.26 10.68
C SER D 111 -21.44 -26.04 11.54
N LEU D 112 -21.71 -26.96 12.46
CA LEU D 112 -22.86 -26.84 13.35
C LEU D 112 -22.71 -25.64 14.28
N THR D 113 -21.47 -25.31 14.64
CA THR D 113 -21.21 -24.20 15.53
C THR D 113 -21.09 -22.90 14.73
N GLY D 114 -21.56 -22.93 13.49
CA GLY D 114 -21.47 -21.76 12.64
C GLY D 114 -20.02 -21.47 12.33
N TYR D 115 -19.19 -22.49 12.54
CA TYR D 115 -17.75 -22.41 12.30
C TYR D 115 -17.06 -21.60 13.39
N ARG D 116 -17.69 -21.51 14.55
CA ARG D 116 -17.11 -20.76 15.66
C ARG D 116 -16.35 -21.64 16.63
N LEU D 117 -16.49 -22.96 16.47
CA LEU D 117 -15.79 -23.90 17.34
C LEU D 117 -14.93 -24.89 16.56
N TRP D 118 -13.74 -25.14 17.08
CA TRP D 118 -12.78 -26.05 16.47
C TRP D 118 -13.00 -27.49 16.92
N ASN D 119 -12.34 -28.42 16.26
CA ASN D 119 -12.49 -29.83 16.61
C ASN D 119 -11.42 -30.69 15.94
N ASP D 120 -10.75 -31.54 16.71
CA ASP D 120 -9.73 -32.43 16.17
C ASP D 120 -10.45 -33.40 15.24
N GLN D 121 -9.85 -33.67 14.09
CA GLN D 121 -10.47 -34.55 13.11
C GLN D 121 -9.52 -35.52 12.42
N VAL D 122 -10.10 -36.48 11.71
CA VAL D 122 -9.35 -37.47 10.95
C VAL D 122 -8.83 -36.74 9.71
N CYS D 123 -7.53 -36.42 9.72
CA CYS D 123 -6.93 -35.69 8.60
C CYS D 123 -7.31 -36.26 7.23
N GLU D 124 -7.82 -37.49 7.21
CA GLU D 124 -8.23 -38.11 5.95
C GLU D 124 -9.65 -37.70 5.58
N SER D 125 -10.34 -37.03 6.50
CA SER D 125 -11.70 -36.56 6.25
C SER D 125 -11.69 -35.63 5.05
N LYS D 126 -12.78 -35.63 4.29
CA LYS D 126 -12.88 -34.78 3.11
C LYS D 126 -13.75 -33.55 3.38
N ASP D 127 -13.12 -32.47 3.85
CA ASP D 127 -13.83 -31.23 4.13
C ASP D 127 -13.43 -30.15 3.16
N ALA D 128 -14.08 -29.00 3.28
CA ALA D 128 -13.76 -27.85 2.46
C ALA D 128 -12.61 -27.24 3.29
N PHE D 129 -11.97 -26.20 2.78
CA PHE D 129 -10.86 -25.62 3.53
C PHE D 129 -10.71 -24.12 3.41
N LEU D 130 -10.05 -23.53 4.41
CA LEU D 130 -9.83 -22.10 4.47
C LEU D 130 -8.37 -21.75 4.14
N CYS D 131 -8.12 -21.22 2.94
CA CYS D 131 -6.74 -20.83 2.62
C CYS D 131 -6.50 -19.45 3.17
N GLN D 132 -5.24 -19.12 3.30
CA GLN D 132 -4.83 -17.84 3.81
C GLN D 132 -3.59 -17.48 3.02
N CYS D 133 -3.58 -16.29 2.43
CA CYS D 133 -2.44 -15.85 1.63
C CYS D 133 -2.00 -14.45 1.99
N LYS D 134 -0.81 -14.14 1.51
CA LYS D 134 -0.18 -12.84 1.66
C LYS D 134 -0.08 -12.52 0.17
N PHE D 135 -0.50 -11.33 -0.24
CA PHE D 135 -0.41 -11.00 -1.66
C PHE D 135 0.60 -9.90 -2.00
N ASN E 2 2.88 -5.31 -1.55
CA ASN E 2 2.11 -6.09 -2.56
C ASN E 2 3.04 -6.53 -3.70
N CYS E 3 2.79 -7.73 -4.20
CA CYS E 3 3.59 -8.28 -5.28
C CYS E 3 2.66 -8.79 -6.34
N PRO E 4 3.19 -9.09 -7.53
CA PRO E 4 2.32 -9.61 -8.58
C PRO E 4 1.74 -10.88 -7.96
N LEU E 5 0.48 -11.17 -8.25
CA LEU E 5 -0.20 -12.32 -7.68
C LEU E 5 0.47 -13.70 -7.78
N ASP E 6 1.46 -13.85 -8.65
CA ASP E 6 2.14 -15.14 -8.79
C ASP E 6 3.57 -15.13 -8.23
N TRP E 7 3.86 -14.17 -7.34
CA TRP E 7 5.17 -14.07 -6.70
C TRP E 7 5.02 -14.29 -5.20
N LEU E 8 6.14 -14.51 -4.52
CA LEU E 8 6.11 -14.72 -3.08
C LEU E 8 6.41 -13.41 -2.37
N PRO E 9 5.41 -12.86 -1.67
CA PRO E 9 5.60 -11.60 -0.94
C PRO E 9 6.39 -11.96 0.32
N MET E 10 7.49 -11.27 0.58
CA MET E 10 8.25 -11.59 1.77
C MET E 10 9.04 -10.40 2.29
N ASN E 11 8.66 -9.93 3.47
CA ASN E 11 9.32 -8.83 4.14
C ASN E 11 9.70 -7.68 3.23
N GLY E 12 8.70 -7.13 2.54
CA GLY E 12 8.93 -6.01 1.65
C GLY E 12 9.37 -6.34 0.25
N LEU E 13 9.80 -7.58 0.00
CA LEU E 13 10.23 -7.95 -1.34
C LEU E 13 9.40 -9.05 -1.96
N CYS E 14 9.64 -9.29 -3.24
CA CYS E 14 8.90 -10.30 -3.98
C CYS E 14 9.89 -11.31 -4.55
N TYR E 15 9.56 -12.58 -4.39
CA TYR E 15 10.45 -13.62 -4.87
C TYR E 15 9.77 -14.58 -5.82
N LYS E 16 10.57 -15.18 -6.70
CA LYS E 16 10.05 -16.12 -7.66
C LYS E 16 11.14 -17.05 -8.18
N ILE E 17 10.90 -18.36 -8.16
CA ILE E 17 11.89 -19.27 -8.72
C ILE E 17 11.59 -19.41 -10.18
N PHE E 18 12.64 -19.45 -10.99
CA PHE E 18 12.50 -19.66 -12.41
C PHE E 18 13.16 -21.01 -12.64
N ASN E 19 12.49 -21.88 -13.39
CA ASN E 19 13.01 -23.22 -13.64
C ASN E 19 14.00 -23.34 -14.79
N GLN E 20 14.16 -22.27 -15.57
CA GLN E 20 15.13 -22.30 -16.67
C GLN E 20 16.48 -22.51 -16.02
N LEU E 21 17.33 -23.31 -16.65
CA LEU E 21 18.65 -23.55 -16.11
C LEU E 21 19.61 -22.55 -16.73
N LYS E 22 20.31 -21.80 -15.87
CA LYS E 22 21.26 -20.82 -16.35
C LYS E 22 22.50 -20.84 -15.47
N THR E 23 23.53 -20.12 -15.90
CA THR E 23 24.73 -20.03 -15.09
C THR E 23 24.40 -18.94 -14.08
N TRP E 24 25.15 -18.89 -12.99
CA TRP E 24 24.89 -17.87 -11.99
C TRP E 24 24.82 -16.48 -12.65
N GLU E 25 25.83 -16.15 -13.43
CA GLU E 25 25.90 -14.87 -14.10
C GLU E 25 24.65 -14.57 -14.92
N ASP E 26 24.19 -15.55 -15.68
CA ASP E 26 23.01 -15.35 -16.51
C ASP E 26 21.73 -15.29 -15.69
N ALA E 27 21.73 -15.93 -14.53
CA ALA E 27 20.57 -15.90 -13.66
C ALA E 27 20.40 -14.48 -13.13
N GLU E 28 21.51 -13.88 -12.69
CA GLU E 28 21.52 -12.52 -12.16
C GLU E 28 20.99 -11.59 -13.22
N MET E 29 21.62 -11.65 -14.40
CA MET E 29 21.25 -10.79 -15.51
C MET E 29 19.81 -10.97 -15.91
N PHE E 30 19.32 -12.20 -15.89
CA PHE E 30 17.94 -12.44 -16.24
C PHE E 30 17.05 -11.76 -15.19
N CYS E 31 17.43 -11.85 -13.92
CA CYS E 31 16.63 -11.18 -12.88
C CYS E 31 16.69 -9.67 -13.07
N ARG E 32 17.89 -9.14 -13.24
CA ARG E 32 18.08 -7.71 -13.43
C ARG E 32 17.29 -7.20 -14.64
N LYS E 33 17.17 -8.02 -15.67
CA LYS E 33 16.45 -7.62 -16.87
C LYS E 33 14.98 -8.01 -16.88
N TYR E 34 14.53 -8.70 -15.84
CA TYR E 34 13.12 -9.08 -15.80
C TYR E 34 12.30 -7.79 -15.59
N LYS E 35 12.82 -6.92 -14.74
CA LYS E 35 12.19 -5.63 -14.50
C LYS E 35 13.18 -4.86 -13.64
N PRO E 36 13.18 -3.53 -13.74
CA PRO E 36 14.14 -2.80 -12.91
C PRO E 36 13.98 -3.01 -11.41
N GLY E 37 15.07 -3.34 -10.75
CA GLY E 37 15.03 -3.55 -9.30
C GLY E 37 15.10 -4.99 -8.84
N CYS E 38 15.37 -5.91 -9.76
CA CYS E 38 15.45 -7.33 -9.40
C CYS E 38 16.87 -7.86 -9.38
N HIS E 39 17.07 -8.88 -8.56
CA HIS E 39 18.38 -9.53 -8.45
C HIS E 39 18.12 -10.94 -8.03
N LEU E 40 19.19 -11.73 -7.96
CA LEU E 40 19.06 -13.08 -7.47
C LEU E 40 18.75 -12.77 -6.00
N ALA E 41 17.97 -13.62 -5.35
CA ALA E 41 17.59 -13.35 -3.98
C ALA E 41 18.73 -13.26 -2.98
N SER E 42 18.51 -12.45 -1.95
CA SER E 42 19.47 -12.32 -0.86
C SER E 42 18.62 -12.79 0.31
N PHE E 43 19.24 -13.32 1.35
CA PHE E 43 18.53 -13.79 2.53
C PHE E 43 19.06 -13.05 3.76
N HIS E 44 18.19 -12.76 4.71
CA HIS E 44 18.62 -12.03 5.88
C HIS E 44 18.05 -12.52 7.19
N ARG E 45 17.19 -13.53 7.12
CA ARG E 45 16.62 -14.09 8.34
C ARG E 45 16.24 -15.54 8.22
N TYR E 46 16.18 -16.19 9.37
CA TYR E 46 15.84 -17.59 9.49
C TYR E 46 14.51 -17.84 8.78
N GLY E 47 13.53 -16.98 9.06
CA GLY E 47 12.21 -17.11 8.48
C GLY E 47 12.20 -17.11 6.98
N GLU E 48 13.04 -16.30 6.37
CA GLU E 48 13.09 -16.22 4.91
C GLU E 48 13.63 -17.53 4.33
N SER E 49 14.59 -18.15 5.01
CA SER E 49 15.15 -19.40 4.54
C SER E 49 14.08 -20.48 4.54
N LEU E 50 13.31 -20.56 5.63
CA LEU E 50 12.27 -21.55 5.74
C LEU E 50 11.17 -21.29 4.72
N GLU E 51 10.73 -20.05 4.65
CA GLU E 51 9.68 -19.65 3.71
C GLU E 51 10.13 -19.91 2.26
N ILE E 52 11.34 -19.49 1.92
CA ILE E 52 11.85 -19.70 0.57
C ILE E 52 12.00 -21.18 0.28
N ALA E 53 12.64 -21.89 1.21
CA ALA E 53 12.86 -23.33 1.07
C ALA E 53 11.56 -24.05 0.79
N GLU E 54 10.50 -23.69 1.52
CA GLU E 54 9.19 -24.32 1.33
C GLU E 54 8.57 -23.91 -0.01
N TYR E 55 8.74 -22.63 -0.36
CA TYR E 55 8.19 -22.15 -1.60
C TYR E 55 8.84 -22.89 -2.77
N ILE E 56 10.16 -23.06 -2.72
CA ILE E 56 10.87 -23.76 -3.79
C ILE E 56 10.52 -25.24 -3.83
N SER E 57 10.33 -25.87 -2.68
CA SER E 57 9.96 -27.28 -2.66
C SER E 57 8.65 -27.50 -3.41
N ASP E 58 7.72 -26.56 -3.26
CA ASP E 58 6.41 -26.68 -3.89
C ASP E 58 6.29 -26.20 -5.34
N TYR E 59 7.02 -25.15 -5.70
CA TYR E 59 6.91 -24.61 -7.06
C TYR E 59 8.04 -24.91 -8.02
N HIS E 60 9.12 -25.47 -7.53
CA HIS E 60 10.24 -25.76 -8.42
C HIS E 60 9.94 -26.95 -9.31
N LYS E 61 9.70 -26.66 -10.58
CA LYS E 61 9.41 -27.69 -11.57
C LYS E 61 10.75 -28.32 -11.96
N GLY E 62 11.34 -29.03 -11.01
CA GLY E 62 12.62 -29.68 -11.25
C GLY E 62 13.14 -30.41 -10.03
N GLN E 63 14.46 -30.50 -9.95
CA GLN E 63 15.13 -31.19 -8.86
C GLN E 63 16.51 -30.55 -8.70
N GLU E 64 16.77 -29.53 -9.52
CA GLU E 64 18.05 -28.85 -9.50
C GLU E 64 18.24 -27.90 -8.32
N ASN E 65 19.48 -27.42 -8.16
CA ASN E 65 19.79 -26.49 -7.10
C ASN E 65 19.40 -25.11 -7.58
N VAL E 66 19.28 -24.17 -6.63
CA VAL E 66 18.85 -22.84 -7.00
C VAL E 66 19.88 -21.77 -6.73
N TRP E 67 20.22 -21.03 -7.78
CA TRP E 67 21.16 -19.94 -7.64
C TRP E 67 20.55 -18.87 -6.74
N ILE E 68 21.39 -18.13 -6.05
CA ILE E 68 20.91 -17.00 -5.24
C ILE E 68 21.95 -15.91 -5.43
N GLY E 69 21.67 -14.70 -4.94
CA GLY E 69 22.56 -13.58 -5.16
C GLY E 69 23.90 -13.49 -4.45
N LEU E 70 24.31 -14.56 -3.77
CA LEU E 70 25.58 -14.53 -3.05
C LEU E 70 26.72 -15.04 -3.92
N ARG E 71 27.79 -14.25 -4.00
CA ARG E 71 28.94 -14.62 -4.81
C ARG E 71 30.22 -14.05 -4.17
N ASP E 72 31.35 -14.70 -4.42
CA ASP E 72 32.62 -14.27 -3.86
C ASP E 72 33.47 -13.59 -4.90
N LYS E 73 33.13 -12.33 -5.19
CA LYS E 73 33.82 -11.54 -6.18
C LYS E 73 35.34 -11.56 -6.02
N LYS E 74 35.84 -11.38 -4.79
CA LYS E 74 37.27 -11.39 -4.57
C LYS E 74 37.87 -12.78 -4.35
N LYS E 75 37.03 -13.81 -4.53
CA LYS E 75 37.45 -15.19 -4.40
C LYS E 75 38.26 -15.51 -3.14
N ASP E 76 37.93 -14.85 -2.04
CA ASP E 76 38.63 -15.06 -0.78
C ASP E 76 37.66 -15.18 0.39
N PHE E 77 36.52 -15.78 0.12
CA PHE E 77 35.49 -15.97 1.13
C PHE E 77 34.94 -14.65 1.64
N SER E 78 34.78 -13.69 0.74
CA SER E 78 34.20 -12.40 1.08
C SER E 78 32.92 -12.34 0.23
N TRP E 79 31.88 -12.99 0.72
CA TRP E 79 30.60 -13.08 0.02
C TRP E 79 29.79 -11.80 0.06
N GLU E 80 29.34 -11.39 -1.11
CA GLU E 80 28.55 -10.17 -1.27
C GLU E 80 27.28 -10.52 -2.01
N TRP E 81 26.18 -9.90 -1.60
CA TRP E 81 24.89 -10.12 -2.24
C TRP E 81 24.86 -9.20 -3.46
N THR E 82 24.28 -9.67 -4.56
CA THR E 82 24.20 -8.86 -5.76
C THR E 82 23.26 -7.67 -5.57
N ASP E 83 22.29 -7.78 -4.65
CA ASP E 83 21.39 -6.66 -4.42
C ASP E 83 22.06 -5.67 -3.48
N ARG E 84 23.34 -5.90 -3.23
CA ARG E 84 24.13 -5.02 -2.38
C ARG E 84 23.66 -4.89 -0.93
N SER E 85 22.81 -5.80 -0.50
CA SER E 85 22.34 -5.79 0.88
C SER E 85 23.47 -6.39 1.71
N CYS E 86 23.39 -6.21 3.01
CA CYS E 86 24.41 -6.69 3.90
C CYS E 86 24.49 -8.21 4.11
N THR E 87 25.71 -8.72 4.24
CA THR E 87 25.93 -10.14 4.48
C THR E 87 25.89 -10.35 5.99
N ASP E 88 24.69 -10.29 6.53
CA ASP E 88 24.50 -10.43 7.97
C ASP E 88 23.85 -11.75 8.32
N TYR E 89 23.71 -12.62 7.33
CA TYR E 89 23.05 -13.90 7.55
C TYR E 89 23.57 -14.96 6.58
N LEU E 90 24.08 -16.06 7.12
CA LEU E 90 24.61 -17.13 6.29
C LEU E 90 24.11 -18.46 6.79
N THR E 91 23.61 -19.28 5.88
CA THR E 91 23.10 -20.59 6.26
C THR E 91 23.75 -21.64 5.34
N TRP E 92 25.05 -21.81 5.56
CA TRP E 92 25.85 -22.74 4.78
C TRP E 92 25.54 -24.20 5.07
N ASP E 93 25.62 -25.03 4.03
CA ASP E 93 25.38 -26.44 4.20
C ASP E 93 26.62 -26.99 4.94
N LYS E 94 26.59 -28.27 5.30
CA LYS E 94 27.68 -28.92 5.99
C LYS E 94 28.98 -28.87 5.17
N ASN E 95 30.07 -28.41 5.80
CA ASN E 95 31.36 -28.33 5.14
C ASN E 95 31.48 -27.28 4.03
N GLN E 96 30.58 -26.30 4.03
CA GLN E 96 30.62 -25.25 3.02
C GLN E 96 30.71 -23.89 3.70
N PRO E 97 31.21 -22.87 2.99
CA PRO E 97 31.69 -22.93 1.61
C PRO E 97 33.09 -23.55 1.60
N ASP E 98 33.51 -24.08 0.46
CA ASP E 98 34.82 -24.70 0.40
C ASP E 98 35.67 -24.29 -0.80
N HIS E 99 35.12 -23.46 -1.68
CA HIS E 99 35.86 -23.03 -2.85
C HIS E 99 36.43 -24.29 -3.50
N TYR E 100 35.62 -25.34 -3.55
CA TYR E 100 36.02 -26.62 -4.12
C TYR E 100 36.82 -26.48 -5.40
N GLN E 101 37.99 -27.11 -5.43
CA GLN E 101 38.86 -27.06 -6.59
C GLN E 101 39.17 -25.62 -6.99
N ASN E 102 38.97 -24.70 -6.05
CA ASN E 102 39.22 -23.28 -6.28
C ASN E 102 38.49 -22.76 -7.53
N LYS E 103 37.26 -23.23 -7.71
CA LYS E 103 36.46 -22.82 -8.86
C LYS E 103 35.04 -22.41 -8.48
N GLU E 104 34.68 -22.63 -7.23
CA GLU E 104 33.34 -22.31 -6.76
C GLU E 104 33.25 -20.96 -6.06
N PHE E 105 32.59 -20.00 -6.70
CA PHE E 105 32.45 -18.67 -6.11
C PHE E 105 31.04 -18.12 -6.13
N CYS E 106 30.07 -18.95 -6.53
CA CYS E 106 28.66 -18.55 -6.58
C CYS E 106 27.84 -19.46 -5.68
N VAL E 107 26.84 -18.91 -5.02
CA VAL E 107 26.06 -19.69 -4.08
C VAL E 107 24.71 -20.17 -4.61
N GLU E 108 24.34 -21.37 -4.19
CA GLU E 108 23.11 -22.01 -4.61
C GLU E 108 22.40 -22.66 -3.43
N LEU E 109 21.08 -22.80 -3.54
CA LEU E 109 20.30 -23.45 -2.51
C LEU E 109 20.42 -24.94 -2.83
N VAL E 110 20.82 -25.72 -1.84
CA VAL E 110 21.02 -27.16 -2.03
C VAL E 110 19.73 -27.96 -1.98
N SER E 111 19.39 -28.57 -3.11
CA SER E 111 18.20 -29.38 -3.25
C SER E 111 18.06 -30.41 -2.13
N LEU E 112 19.14 -31.13 -1.86
CA LEU E 112 19.14 -32.17 -0.82
C LEU E 112 18.84 -31.66 0.60
N THR E 113 19.04 -30.36 0.82
CA THR E 113 18.76 -29.78 2.14
C THR E 113 17.35 -29.21 2.15
N GLY E 114 16.61 -29.46 1.07
CA GLY E 114 15.27 -28.93 0.99
C GLY E 114 15.36 -27.46 0.67
N TYR E 115 16.45 -27.07 0.00
CA TYR E 115 16.69 -25.68 -0.38
C TYR E 115 16.81 -24.77 0.83
N ARG E 116 17.23 -25.32 1.95
CA ARG E 116 17.39 -24.53 3.16
C ARG E 116 18.83 -24.11 3.38
N LEU E 117 19.77 -24.92 2.88
CA LEU E 117 21.19 -24.64 3.08
C LEU E 117 21.94 -24.27 1.81
N TRP E 118 23.01 -23.51 1.97
CA TRP E 118 23.77 -23.04 0.82
C TRP E 118 25.06 -23.79 0.56
N ASN E 119 25.52 -23.65 -0.68
CA ASN E 119 26.74 -24.27 -1.12
C ASN E 119 27.39 -23.36 -2.14
N ASP E 120 28.70 -23.20 -2.06
CA ASP E 120 29.32 -22.38 -3.08
C ASP E 120 29.47 -23.37 -4.22
N GLN E 121 29.33 -22.87 -5.44
CA GLN E 121 29.35 -23.72 -6.61
C GLN E 121 30.02 -23.05 -7.79
N VAL E 122 30.34 -23.85 -8.80
CA VAL E 122 30.96 -23.37 -10.02
C VAL E 122 29.93 -22.45 -10.65
N CYS E 123 30.34 -21.21 -10.90
CA CYS E 123 29.41 -20.25 -11.48
C CYS E 123 28.94 -20.64 -12.87
N GLU E 124 29.69 -21.50 -13.53
CA GLU E 124 29.32 -21.95 -14.88
C GLU E 124 28.30 -23.08 -14.85
N SER E 125 27.98 -23.57 -13.66
CA SER E 125 27.00 -24.64 -13.51
C SER E 125 25.62 -24.10 -13.86
N LYS E 126 24.75 -24.99 -14.32
CA LYS E 126 23.40 -24.61 -14.69
C LYS E 126 22.43 -25.00 -13.58
N ASP E 127 21.77 -24.00 -13.02
CA ASP E 127 20.82 -24.23 -11.96
C ASP E 127 19.58 -23.43 -12.24
N ALA E 128 18.54 -23.67 -11.46
CA ALA E 128 17.32 -22.89 -11.57
C ALA E 128 17.73 -21.67 -10.74
N PHE E 129 16.93 -20.63 -10.76
CA PHE E 129 17.30 -19.46 -9.98
C PHE E 129 16.12 -18.76 -9.33
N LEU E 130 16.42 -18.07 -8.23
CA LEU E 130 15.44 -17.36 -7.42
C LEU E 130 15.62 -15.86 -7.58
N CYS E 131 14.66 -15.19 -8.21
CA CYS E 131 14.77 -13.75 -8.34
C CYS E 131 14.10 -13.09 -7.15
N GLN E 132 14.45 -11.84 -6.96
CA GLN E 132 13.93 -11.02 -5.89
C GLN E 132 13.74 -9.65 -6.51
N CYS E 133 12.51 -9.15 -6.47
CA CYS E 133 12.25 -7.84 -7.05
C CYS E 133 11.51 -6.94 -6.10
N LYS E 134 11.61 -5.64 -6.38
CA LYS E 134 10.88 -4.64 -5.63
C LYS E 134 9.92 -4.23 -6.72
N PHE E 135 8.63 -4.10 -6.42
CA PHE E 135 7.70 -3.70 -7.45
C PHE E 135 7.12 -2.31 -7.18
C1 GAL F . -1.46 43.74 -2.20
C2 GAL F . 0.05 43.51 -2.33
C3 GAL F . 0.73 44.69 -3.04
C4 GAL F . 0.01 44.99 -4.36
C5 GAL F . -1.47 45.22 -4.09
C6 GAL F . -2.24 45.47 -5.37
O2 GAL F . 0.62 43.36 -1.04
O3 GAL F . 2.09 44.38 -3.30
O4 GAL F . 0.16 43.88 -5.24
O5 GAL F . -2.05 44.05 -3.47
O6 GAL F . -3.64 45.53 -5.14
C1 YIO F . -3.95 42.59 -1.46
C2 YIO F . -4.71 41.30 -1.15
C3 YIO F . -6.16 41.62 -0.76
C4 YIO F . -6.18 42.65 0.36
C5 YIO F . -5.36 43.88 -0.05
C6 YIO F . -5.29 44.93 1.05
O2 YIO F . -4.68 40.46 -2.29
O3 YIO F . -6.81 40.44 -0.35
O4 YIO F . -5.63 42.08 1.53
O5 YIO F . -4.01 43.49 -0.35
O6 YIO F . -4.37 45.96 0.73
S1 YIO F . -2.22 42.19 -1.67
CA CA G . 32.99 19.15 -15.49
NA NA H . 16.36 10.79 -4.76
C1 GAL I . 35.58 16.01 -18.98
C2 GAL I . 34.20 16.53 -18.55
C3 GAL I . 34.04 18.02 -18.90
C4 GAL I . 35.25 18.85 -18.46
C5 GAL I . 36.55 18.18 -18.91
C6 GAL I . 37.79 18.89 -18.44
O1 GAL I . 35.76 14.71 -18.53
O2 GAL I . 33.19 15.79 -19.22
O3 GAL I . 32.90 18.52 -18.23
O4 GAL I . 35.24 18.98 -17.04
O5 GAL I . 36.61 16.83 -18.42
O6 GAL I . 38.76 18.97 -19.49
CA CA J . -6.56 39.72 2.02
NA NA K . -3.81 18.55 3.22
CA CA L . -36.66 5.84 17.82
NA NA M . -16.16 1.85 11.11
C1 GAL N . -39.29 9.79 15.54
C2 GAL N . -38.42 8.54 15.27
C3 GAL N . -39.02 7.26 15.87
C4 GAL N . -39.51 7.47 17.31
C5 GAL N . -40.40 8.72 17.36
C6 GAL N . -40.95 9.01 18.75
O1 GAL N . -38.60 10.94 15.19
O2 GAL N . -38.31 8.36 13.86
O3 GAL N . -38.03 6.24 15.87
O4 GAL N . -38.40 7.64 18.17
O5 GAL N . -39.64 9.86 16.93
O6 GAL N . -41.45 10.34 18.83
CA CA O . -13.27 -35.24 17.14
NA NA P . -3.67 -16.46 10.02
CA CA Q . 30.93 -25.91 -2.38
NA NA R . 16.24 -10.62 0.02
C1 GAL S . 29.65 -31.11 -2.99
C2 GAL S . 29.34 -29.69 -3.50
C3 GAL S . 30.57 -29.04 -4.15
C4 GAL S . 31.83 -29.22 -3.32
C5 GAL S . 32.00 -30.68 -2.91
C6 GAL S . 33.21 -30.93 -2.04
O1 GAL S . 28.61 -31.58 -2.21
O2 GAL S . 28.29 -29.74 -4.46
O3 GAL S . 30.31 -27.65 -4.32
O4 GAL S . 31.77 -28.38 -2.17
O5 GAL S . 30.84 -31.13 -2.18
O6 GAL S . 33.46 -32.32 -1.88
#